data_7BZV
#
_entry.id   7BZV
#
_cell.length_a   181.526
_cell.length_b   181.526
_cell.length_c   181.157
_cell.angle_alpha   90.000
_cell.angle_beta   90.000
_cell.angle_gamma   120.000
#
_symmetry.space_group_name_H-M   'P 61 2 2'
#
loop_
_entity.id
_entity.type
_entity.pdbx_description
1 polymer '2-aminomuconic 6-semialdehyde dehydrogenase'
2 non-polymer GLYCEROL
3 non-polymer DI(HYDROXYETHYL)ETHER
4 non-polymer 'SULFATE ION'
5 water water
#
_entity_poly.entity_id   1
_entity_poly.type   'polypeptide(L)'
_entity_poly.pdbx_seq_one_letter_code
;SMKQYRNFVDGKWVESSKTFQDVTPIDGSVVAVVHEADRDLVDAAVKAGHRALEGEWGRTTAAQRVDWLRRIANEMERRQ
QDFLDAEMADTGKPLSMAATIDIPRGIANFRNFADILATAPVDSHRLDLPDGAYALNYAARKPLGVVGVISPWNLPLLLL
TWKVAPALACGNAVVVKPSEDTPGTATLLAEVMEAVGIPPGVFNLVHGFGPNSAGEFISQHPDISAITFTGESKTGSTIM
RAAAEGVKPVSFELGGKNAAVIFADCDFEKMLDGMMRALFLNSGQVCLCSERVYVERPIFDRFCVALAERIKALKVDWPH
ETDTQMGPLISSKHRDKVLSYFELARQEGATFLAGGGVPRFGDERDNGAWVEPTVIAGLSDDARVVREEIFGPICHVTPF
DSESEVIRRANDTRYGLAATIWTTNLSRAHRVSELMRVGISWVNTWFLRDLRTPFGGAGLSGIGREGGMHSLNFYSELTN
VCVRIDKESPDV
;
_entity_poly.pdbx_strand_id   A,B
#
# COMPACT_ATOMS: atom_id res chain seq x y z
N SER A 1 -11.76 -40.11 20.33
CA SER A 1 -10.33 -40.44 20.08
C SER A 1 -9.83 -39.90 18.75
N MET A 2 -10.00 -38.59 18.53
CA MET A 2 -9.45 -37.95 17.35
C MET A 2 -9.20 -36.48 17.67
N LYS A 3 -7.99 -36.03 17.38
CA LYS A 3 -7.63 -34.64 17.64
C LYS A 3 -8.62 -33.70 16.97
N GLN A 4 -8.98 -32.63 17.68
CA GLN A 4 -9.87 -31.58 17.19
C GLN A 4 -9.13 -30.25 17.16
N TYR A 5 -9.22 -29.56 16.03
CA TYR A 5 -8.70 -28.21 15.91
C TYR A 5 -9.89 -27.26 15.81
N ARG A 6 -10.11 -26.51 16.87
CA ARG A 6 -11.30 -25.70 17.05
C ARG A 6 -10.98 -24.24 16.73
N ASN A 7 -12.05 -23.47 16.57
CA ASN A 7 -11.92 -22.03 16.48
C ASN A 7 -11.67 -21.45 17.87
N PHE A 8 -11.12 -20.24 17.89
CA PHE A 8 -10.85 -19.54 19.14
C PHE A 8 -11.29 -18.10 18.91
N VAL A 9 -12.40 -17.72 19.52
CA VAL A 9 -13.04 -16.44 19.29
C VAL A 9 -13.39 -15.82 20.63
N ASP A 10 -12.93 -14.58 20.82
CA ASP A 10 -13.19 -13.83 22.05
C ASP A 10 -12.86 -14.65 23.30
N GLY A 11 -11.75 -15.37 23.26
CA GLY A 11 -11.29 -16.08 24.43
C GLY A 11 -11.94 -17.43 24.68
N LYS A 12 -12.76 -17.90 23.75
CA LYS A 12 -13.50 -19.14 23.88
C LYS A 12 -13.18 -20.07 22.72
N TRP A 13 -13.02 -21.36 23.03
CA TRP A 13 -12.90 -22.38 22.00
C TRP A 13 -14.28 -22.70 21.46
N VAL A 14 -14.42 -22.73 20.14
CA VAL A 14 -15.71 -22.86 19.49
C VAL A 14 -15.67 -24.01 18.50
N GLU A 15 -16.58 -24.97 18.67
CA GLU A 15 -16.76 -26.06 17.74
C GLU A 15 -17.80 -25.66 16.71
N SER A 16 -17.95 -26.48 15.68
CA SER A 16 -18.74 -26.03 14.55
C SER A 16 -19.64 -27.14 14.02
N SER A 17 -20.68 -26.68 13.29
CA SER A 17 -21.59 -27.59 12.61
C SER A 17 -20.92 -28.23 11.40
N LYS A 18 -20.05 -27.48 10.73
CA LYS A 18 -19.31 -27.96 9.57
C LYS A 18 -17.92 -28.38 10.05
N THR A 19 -17.46 -29.55 9.64
CA THR A 19 -16.11 -30.01 9.94
C THR A 19 -15.45 -30.61 8.70
N PHE A 20 -14.13 -30.71 8.75
CA PHE A 20 -13.34 -31.26 7.66
C PHE A 20 -12.10 -31.91 8.26
N GLN A 21 -11.45 -32.73 7.46
CA GLN A 21 -10.30 -33.48 7.92
C GLN A 21 -9.02 -32.78 7.50
N ASP A 22 -8.04 -32.83 8.41
CA ASP A 22 -6.63 -32.50 8.18
C ASP A 22 -5.92 -33.82 7.91
N VAL A 23 -5.40 -33.98 6.71
CA VAL A 23 -4.73 -35.20 6.27
C VAL A 23 -3.23 -34.94 6.18
N THR A 24 -2.43 -35.95 6.57
CA THR A 24 -0.96 -35.81 6.43
C THR A 24 -0.52 -36.35 5.08
N PRO A 25 0.31 -35.62 4.33
CA PRO A 25 0.69 -36.09 3.00
C PRO A 25 1.76 -37.16 3.04
N ILE A 26 2.20 -37.52 4.23
CA ILE A 26 3.21 -38.57 4.34
C ILE A 26 2.62 -39.90 3.87
N ASP A 27 1.39 -40.21 4.35
CA ASP A 27 0.71 -41.45 4.02
C ASP A 27 -0.79 -41.27 3.81
N GLY A 28 -1.29 -40.04 3.72
CA GLY A 28 -2.70 -39.82 3.42
C GLY A 28 -3.65 -40.05 4.55
N SER A 29 -3.15 -40.29 5.76
CA SER A 29 -3.99 -40.61 6.89
C SER A 29 -4.49 -39.33 7.56
N VAL A 30 -5.50 -39.50 8.40
CA VAL A 30 -6.15 -38.37 9.06
C VAL A 30 -5.40 -38.02 10.35
N VAL A 31 -5.06 -36.74 10.49
CA VAL A 31 -4.37 -36.19 11.64
C VAL A 31 -5.36 -35.57 12.62
N ALA A 32 -6.45 -34.99 12.13
CA ALA A 32 -7.32 -34.22 13.00
C ALA A 32 -8.57 -33.88 12.23
N VAL A 33 -9.61 -33.51 12.99
CA VAL A 33 -10.86 -32.96 12.49
C VAL A 33 -10.85 -31.47 12.77
N VAL A 34 -11.20 -30.67 11.76
CA VAL A 34 -11.14 -29.22 11.85
C VAL A 34 -12.57 -28.67 11.85
N HIS A 35 -12.80 -27.63 12.65
CA HIS A 35 -14.12 -27.00 12.77
C HIS A 35 -14.19 -25.72 11.95
N GLU A 36 -15.00 -25.74 10.91
CA GLU A 36 -15.04 -24.65 9.95
C GLU A 36 -15.91 -23.54 10.48
N ALA A 37 -15.37 -22.33 10.53
CA ALA A 37 -16.16 -21.18 10.97
C ALA A 37 -17.19 -20.79 9.94
N ASP A 38 -18.41 -20.45 10.40
CA ASP A 38 -19.40 -19.91 9.48
C ASP A 38 -19.32 -18.38 9.50
N ARG A 39 -20.18 -17.73 8.70
CA ARG A 39 -20.07 -16.28 8.57
C ARG A 39 -20.38 -15.57 9.90
N ASP A 40 -21.33 -16.12 10.67
CA ASP A 40 -21.69 -15.54 11.96
C ASP A 40 -20.50 -15.53 12.93
N LEU A 41 -19.73 -16.62 12.97
CA LEU A 41 -18.56 -16.72 13.85
C LEU A 41 -17.47 -15.75 13.40
N VAL A 42 -17.26 -15.62 12.10
CA VAL A 42 -16.32 -14.62 11.62
C VAL A 42 -16.80 -13.23 12.02
N ASP A 43 -18.10 -12.95 11.87
CA ASP A 43 -18.61 -11.68 12.32
C ASP A 43 -18.37 -11.48 13.82
N ALA A 44 -18.60 -12.52 14.62
CA ALA A 44 -18.35 -12.45 16.05
C ALA A 44 -16.87 -12.18 16.34
N ALA A 45 -15.98 -12.77 15.55
CA ALA A 45 -14.57 -12.54 15.80
C ALA A 45 -14.20 -11.09 15.50
N VAL A 46 -14.75 -10.53 14.41
CA VAL A 46 -14.40 -9.15 14.08
C VAL A 46 -14.92 -8.23 15.15
N LYS A 47 -16.11 -8.49 15.59
CA LYS A 47 -16.70 -7.68 16.64
C LYS A 47 -15.94 -7.80 17.95
N ALA A 48 -15.55 -9.03 18.33
CA ALA A 48 -14.71 -9.22 19.50
C ALA A 48 -13.39 -8.44 19.37
N GLY A 49 -12.82 -8.40 18.16
CA GLY A 49 -11.59 -7.62 17.99
C GLY A 49 -11.78 -6.15 18.29
N HIS A 50 -12.83 -5.54 17.73
CA HIS A 50 -13.05 -4.12 17.99
C HIS A 50 -13.36 -3.89 19.47
N ARG A 51 -14.10 -4.80 20.10
CA ARG A 51 -14.39 -4.67 21.52
C ARG A 51 -13.11 -4.71 22.34
N ALA A 52 -12.20 -5.62 21.97
CA ALA A 52 -10.93 -5.70 22.69
C ALA A 52 -10.19 -4.37 22.66
N LEU A 53 -10.27 -3.63 21.54
CA LEU A 53 -9.57 -2.35 21.50
C LEU A 53 -10.19 -1.31 22.43
N GLU A 54 -11.43 -1.51 22.86
CA GLU A 54 -12.02 -0.61 23.83
C GLU A 54 -11.65 -1.00 25.25
N GLY A 55 -10.94 -2.12 25.42
CA GLY A 55 -10.55 -2.57 26.73
C GLY A 55 -9.05 -2.57 26.98
N GLU A 56 -8.59 -3.57 27.75
CA GLU A 56 -7.20 -3.62 28.19
C GLU A 56 -6.21 -3.48 27.03
N TRP A 57 -6.44 -4.21 25.94
CA TRP A 57 -5.46 -4.16 24.85
C TRP A 57 -5.36 -2.76 24.26
N GLY A 58 -6.50 -2.05 24.16
CA GLY A 58 -6.50 -0.68 23.65
C GLY A 58 -5.81 0.30 24.56
N ARG A 59 -5.58 -0.09 25.81
CA ARG A 59 -4.86 0.75 26.75
C ARG A 59 -3.40 0.36 26.89
N THR A 60 -2.92 -0.65 26.17
CA THR A 60 -1.54 -1.05 26.36
C THR A 60 -0.57 0.00 25.83
N THR A 61 0.55 0.14 26.52
CA THR A 61 1.63 0.92 25.97
C THR A 61 2.44 0.07 24.99
N ALA A 62 3.31 0.75 24.24
CA ALA A 62 4.29 0.03 23.43
C ALA A 62 5.14 -0.93 24.26
N ALA A 63 5.68 -0.46 25.38
CA ALA A 63 6.51 -1.33 26.21
C ALA A 63 5.75 -2.55 26.73
N GLN A 64 4.47 -2.39 27.03
CA GLN A 64 3.71 -3.55 27.45
C GLN A 64 3.55 -4.53 26.30
N ARG A 65 3.37 -4.02 25.10
CA ARG A 65 3.23 -4.94 23.98
C ARG A 65 4.56 -5.57 23.63
N VAL A 66 5.65 -4.83 23.75
CA VAL A 66 6.98 -5.46 23.68
C VAL A 66 7.04 -6.67 24.61
N ASP A 67 6.57 -6.51 25.85
CA ASP A 67 6.66 -7.62 26.80
C ASP A 67 5.72 -8.75 26.40
N TRP A 68 4.51 -8.41 25.96
CA TRP A 68 3.58 -9.41 25.46
C TRP A 68 4.21 -10.24 24.35
N LEU A 69 4.75 -9.57 23.33
CA LEU A 69 5.36 -10.31 22.22
C LEU A 69 6.44 -11.26 22.71
N ARG A 70 7.25 -10.82 23.67
CA ARG A 70 8.32 -11.69 24.16
C ARG A 70 7.75 -12.86 24.98
N ARG A 71 6.69 -12.61 25.75
CA ARG A 71 6.04 -13.66 26.52
C ARG A 71 5.43 -14.70 25.61
N ILE A 72 4.82 -14.25 24.52
CA ILE A 72 4.33 -15.16 23.50
C ILE A 72 5.49 -16.01 22.97
N ALA A 73 6.60 -15.36 22.61
CA ALA A 73 7.74 -16.10 22.08
C ALA A 73 8.26 -17.13 23.09
N ASN A 74 8.38 -16.73 24.35
CA ASN A 74 8.89 -17.65 25.37
C ASN A 74 8.00 -18.87 25.53
N GLU A 75 6.68 -18.68 25.52
CA GLU A 75 5.78 -19.81 25.69
C GLU A 75 5.81 -20.73 24.47
N MET A 76 5.93 -20.14 23.28
CA MET A 76 6.10 -20.94 22.09
C MET A 76 7.35 -21.81 22.20
N GLU A 77 8.44 -21.21 22.67
CA GLU A 77 9.69 -21.92 22.79
C GLU A 77 9.56 -23.07 23.78
N ARG A 78 8.91 -22.81 24.92
CA ARG A 78 8.65 -23.87 25.90
C ARG A 78 7.89 -25.01 25.27
N ARG A 79 7.02 -24.71 24.30
CA ARG A 79 6.17 -25.70 23.64
C ARG A 79 6.67 -26.04 22.25
N GLN A 80 7.96 -25.84 21.99
CA GLN A 80 8.44 -25.93 20.62
C GLN A 80 8.25 -27.34 20.05
N GLN A 81 8.34 -28.38 20.89
CA GLN A 81 8.10 -29.73 20.38
C GLN A 81 6.66 -29.91 19.87
N ASP A 82 5.68 -29.36 20.57
CA ASP A 82 4.30 -29.45 20.09
C ASP A 82 4.14 -28.79 18.74
N PHE A 83 4.71 -27.57 18.59
CA PHE A 83 4.62 -26.87 17.32
C PHE A 83 5.29 -27.68 16.22
N LEU A 84 6.46 -28.20 16.53
CA LEU A 84 7.18 -29.06 15.60
C LEU A 84 6.31 -30.25 15.16
N ASP A 85 5.75 -30.97 16.13
CA ASP A 85 4.99 -32.18 15.77
C ASP A 85 3.80 -31.82 14.90
N ALA A 86 3.11 -30.73 15.25
CA ALA A 86 1.92 -30.36 14.50
C ALA A 86 2.30 -29.91 13.11
N GLU A 87 3.33 -29.07 13.00
CA GLU A 87 3.76 -28.60 11.68
C GLU A 87 4.17 -29.78 10.79
N MET A 88 4.98 -30.70 11.33
CA MET A 88 5.41 -31.85 10.54
C MET A 88 4.25 -32.76 10.14
N ALA A 89 3.29 -32.98 11.03
CA ALA A 89 2.15 -33.84 10.65
C ALA A 89 1.32 -33.21 9.54
N ASP A 90 1.03 -31.91 9.64
CA ASP A 90 0.16 -31.26 8.66
C ASP A 90 0.80 -31.25 7.29
N THR A 91 2.13 -31.12 7.24
CA THR A 91 2.82 -30.77 6.02
C THR A 91 3.73 -31.84 5.43
N GLY A 92 4.14 -32.84 6.20
CA GLY A 92 5.20 -33.71 5.69
C GLY A 92 6.59 -33.13 5.74
N LYS A 93 6.78 -31.97 6.38
CA LYS A 93 8.09 -31.35 6.35
C LYS A 93 9.10 -32.29 7.00
N PRO A 94 10.30 -32.43 6.44
CA PRO A 94 11.38 -33.09 7.18
C PRO A 94 11.75 -32.36 8.45
N LEU A 95 12.15 -33.15 9.46
CA LEU A 95 12.70 -32.56 10.68
C LEU A 95 13.76 -31.53 10.39
N SER A 96 14.62 -31.84 9.41
CA SER A 96 15.71 -30.94 9.07
C SER A 96 15.19 -29.57 8.64
N MET A 97 13.99 -29.48 8.07
CA MET A 97 13.37 -28.21 7.72
C MET A 97 12.66 -27.60 8.92
N ALA A 98 11.73 -28.35 9.50
CA ALA A 98 10.82 -27.76 10.48
C ALA A 98 11.55 -27.33 11.73
N ALA A 99 12.61 -28.06 12.12
CA ALA A 99 13.28 -27.76 13.37
C ALA A 99 14.38 -26.71 13.24
N THR A 100 14.74 -26.32 12.02
CA THR A 100 15.74 -25.30 11.80
C THR A 100 15.18 -24.04 11.18
N ILE A 101 14.10 -24.17 10.39
CA ILE A 101 13.50 -23.04 9.70
C ILE A 101 12.13 -22.67 10.28
N ASP A 102 11.15 -23.57 10.19
CA ASP A 102 9.77 -23.15 10.46
C ASP A 102 9.58 -22.73 11.91
N ILE A 103 9.99 -23.58 12.85
CA ILE A 103 9.68 -23.29 14.23
C ILE A 103 10.63 -22.20 14.73
N PRO A 104 11.94 -22.29 14.52
CA PRO A 104 12.82 -21.20 15.02
C PRO A 104 12.48 -19.84 14.44
N ARG A 105 12.23 -19.76 13.13
CA ARG A 105 11.89 -18.46 12.54
C ARG A 105 10.51 -18.01 12.98
N GLY A 106 9.59 -18.96 13.21
CA GLY A 106 8.27 -18.58 13.69
C GLY A 106 8.31 -17.95 15.07
N ILE A 107 9.18 -18.45 15.94
CA ILE A 107 9.34 -17.85 17.26
C ILE A 107 10.05 -16.51 17.14
N ALA A 108 11.03 -16.46 16.24
CA ALA A 108 11.87 -15.27 16.12
C ALA A 108 11.10 -14.07 15.61
N ASN A 109 10.05 -14.30 14.82
CA ASN A 109 9.24 -13.17 14.36
C ASN A 109 8.74 -12.36 15.54
N PHE A 110 8.28 -13.03 16.60
CA PHE A 110 7.78 -12.29 17.75
C PHE A 110 8.90 -11.51 18.46
N ARG A 111 10.05 -12.13 18.65
CA ARG A 111 11.14 -11.43 19.34
C ARG A 111 11.66 -10.27 18.52
N ASN A 112 11.78 -10.47 17.22
CA ASN A 112 12.27 -9.43 16.35
C ASN A 112 11.36 -8.22 16.35
N PHE A 113 10.06 -8.43 16.13
CA PHE A 113 9.19 -7.27 16.17
C PHE A 113 9.08 -6.66 17.57
N ALA A 114 9.33 -7.43 18.63
CA ALA A 114 9.44 -6.80 19.94
C ALA A 114 10.60 -5.80 19.98
N ASP A 115 11.76 -6.18 19.44
CA ASP A 115 12.90 -5.26 19.38
C ASP A 115 12.57 -4.02 18.58
N ILE A 116 11.98 -4.21 17.41
CA ILE A 116 11.71 -3.11 16.49
C ILE A 116 10.73 -2.14 17.13
N LEU A 117 9.74 -2.68 17.83
CA LEU A 117 8.78 -1.84 18.53
C LEU A 117 9.46 -1.07 19.63
N ALA A 118 10.32 -1.75 20.39
CA ALA A 118 10.97 -1.11 21.53
C ALA A 118 11.71 0.14 21.11
N THR A 119 12.29 0.14 19.92
CA THR A 119 13.11 1.27 19.54
C THR A 119 12.49 2.13 18.44
N ALA A 120 11.25 1.92 18.09
CA ALA A 120 10.68 2.68 17.00
C ALA A 120 10.67 4.16 17.35
N PRO A 121 11.22 5.04 16.52
CA PRO A 121 11.21 6.48 16.83
C PRO A 121 9.90 7.11 16.40
N VAL A 122 9.79 8.41 16.62
CA VAL A 122 8.67 9.19 16.13
C VAL A 122 9.15 10.01 14.94
N ASP A 123 8.48 9.86 13.79
CA ASP A 123 8.79 10.60 12.56
C ASP A 123 8.33 12.04 12.72
N SER A 124 9.25 12.99 12.58
CA SER A 124 8.96 14.35 13.00
C SER A 124 9.78 15.35 12.21
N HIS A 125 9.17 16.50 11.87
CA HIS A 125 9.83 17.60 11.20
C HIS A 125 9.35 18.89 11.84
N ARG A 126 10.19 19.91 11.77
CA ARG A 126 9.76 21.26 12.12
C ARG A 126 9.52 22.09 10.87
N LEU A 127 8.38 22.76 10.83
CA LEU A 127 8.05 23.62 9.69
C LEU A 127 8.21 25.07 10.13
N ASP A 128 9.08 25.81 9.46
CA ASP A 128 9.24 27.20 9.81
C ASP A 128 8.21 28.05 9.10
N LEU A 129 7.70 29.04 9.81
CA LEU A 129 6.71 29.88 9.20
C LEU A 129 7.21 31.32 9.28
N PRO A 130 6.52 32.22 8.59
CA PRO A 130 6.79 33.66 8.76
C PRO A 130 6.61 34.09 10.20
N ASP A 131 7.04 35.30 10.49
CA ASP A 131 6.62 35.97 11.72
C ASP A 131 7.17 35.28 12.96
N GLY A 132 8.27 34.54 12.83
CA GLY A 132 8.82 33.84 13.94
C GLY A 132 7.96 32.70 14.43
N ALA A 133 6.86 32.40 13.74
CA ALA A 133 6.08 31.23 14.17
C ALA A 133 6.69 29.98 13.57
N TYR A 134 6.30 28.81 14.12
CA TYR A 134 6.72 27.55 13.54
C TYR A 134 5.66 26.49 13.85
N ALA A 135 5.78 25.35 13.19
CA ALA A 135 4.89 24.21 13.50
C ALA A 135 5.73 22.99 13.77
N LEU A 136 5.37 22.26 14.81
CA LEU A 136 5.94 20.94 15.06
C LEU A 136 5.04 19.87 14.45
N ASN A 137 5.62 19.00 13.65
CA ASN A 137 4.94 17.87 13.02
C ASN A 137 5.47 16.60 13.64
N TYR A 138 4.60 15.77 14.19
CA TYR A 138 5.03 14.46 14.65
C TYR A 138 3.95 13.43 14.34
N ALA A 139 4.38 12.25 13.88
CA ALA A 139 3.44 11.23 13.43
C ALA A 139 3.12 10.33 14.62
N ALA A 140 1.86 10.28 14.99
CA ALA A 140 1.42 9.37 16.03
C ALA A 140 0.94 8.09 15.37
N ARG A 141 1.47 6.96 15.80
CA ARG A 141 1.07 5.65 15.30
C ARG A 141 0.00 5.06 16.22
N LYS A 142 -1.15 4.73 15.66
CA LYS A 142 -2.24 4.02 16.32
C LYS A 142 -2.56 2.71 15.60
N PRO A 143 -3.20 1.74 16.28
CA PRO A 143 -3.67 0.54 15.57
C PRO A 143 -4.59 0.94 14.43
N LEU A 144 -4.62 0.08 13.42
CA LEU A 144 -5.64 0.20 12.39
C LEU A 144 -7.01 -0.24 12.89
N GLY A 145 -7.03 -1.28 13.73
CA GLY A 145 -8.27 -1.89 14.19
C GLY A 145 -8.10 -3.39 14.28
N VAL A 146 -8.81 -4.10 13.41
CA VAL A 146 -8.87 -5.55 13.37
C VAL A 146 -8.26 -5.97 12.03
N VAL A 147 -7.12 -6.64 12.10
CA VAL A 147 -6.40 -7.06 10.90
C VAL A 147 -6.81 -8.49 10.56
N GLY A 148 -7.32 -8.70 9.36
CA GLY A 148 -7.54 -10.03 8.85
C GLY A 148 -6.26 -10.64 8.28
N VAL A 149 -5.94 -11.84 8.73
CA VAL A 149 -4.72 -12.53 8.32
C VAL A 149 -5.12 -13.87 7.70
N ILE A 150 -4.83 -14.03 6.42
CA ILE A 150 -5.11 -15.26 5.70
C ILE A 150 -3.77 -15.92 5.34
N SER A 151 -3.51 -17.10 5.90
CA SER A 151 -2.16 -17.67 5.92
C SER A 151 -2.02 -18.90 5.01
N PRO A 152 -0.83 -19.13 4.45
CA PRO A 152 -0.67 -20.20 3.48
C PRO A 152 -0.21 -21.51 4.11
N TRP A 153 -0.25 -22.56 3.29
CA TRP A 153 0.14 -23.88 3.79
C TRP A 153 1.63 -24.19 3.68
N ASN A 154 2.41 -23.43 2.92
CA ASN A 154 3.78 -23.88 2.67
C ASN A 154 4.71 -23.61 3.85
N LEU A 155 4.49 -22.53 4.58
CA LEU A 155 5.21 -22.22 5.81
C LEU A 155 4.17 -21.77 6.83
N PRO A 156 3.36 -22.70 7.36
CA PRO A 156 2.15 -22.29 8.10
C PRO A 156 2.50 -21.43 9.29
N LEU A 157 3.37 -21.90 10.18
CA LEU A 157 3.64 -21.10 11.37
C LEU A 157 4.49 -19.86 11.03
N LEU A 158 5.52 -20.04 10.20
CA LEU A 158 6.45 -18.94 9.96
C LEU A 158 5.74 -17.73 9.36
N LEU A 159 4.99 -17.93 8.31
CA LEU A 159 4.29 -16.83 7.67
C LEU A 159 3.11 -16.34 8.47
N LEU A 160 2.52 -17.17 9.33
CA LEU A 160 1.48 -16.64 10.21
C LEU A 160 2.07 -15.63 11.19
N THR A 161 3.20 -15.97 11.81
CA THR A 161 3.73 -15.09 12.84
C THR A 161 4.39 -13.90 12.21
N TRP A 162 4.74 -13.98 10.91
CA TRP A 162 5.32 -12.85 10.19
C TRP A 162 4.33 -11.70 10.12
N LYS A 163 3.05 -12.03 10.07
CA LYS A 163 1.97 -11.05 10.06
C LYS A 163 1.45 -10.75 11.46
N VAL A 164 1.22 -11.77 12.26
CA VAL A 164 0.61 -11.59 13.57
C VAL A 164 1.52 -10.78 14.46
N ALA A 165 2.83 -11.05 14.43
CA ALA A 165 3.73 -10.32 15.33
C ALA A 165 3.68 -8.82 15.08
N PRO A 166 3.87 -8.31 13.87
CA PRO A 166 3.81 -6.84 13.71
C PRO A 166 2.39 -6.31 13.91
N ALA A 167 1.36 -7.09 13.58
CA ALA A 167 -0.01 -6.60 13.78
C ALA A 167 -0.29 -6.36 15.26
N LEU A 168 0.13 -7.30 16.12
CA LEU A 168 -0.03 -7.12 17.55
C LEU A 168 0.91 -6.06 18.09
N ALA A 169 2.11 -5.94 17.52
CA ALA A 169 3.02 -4.91 18.00
C ALA A 169 2.40 -3.53 17.86
N CYS A 170 1.63 -3.33 16.81
CA CYS A 170 0.97 -2.08 16.50
C CYS A 170 -0.34 -1.90 17.25
N GLY A 171 -0.74 -2.87 18.09
CA GLY A 171 -1.90 -2.69 18.94
C GLY A 171 -3.19 -3.16 18.34
N ASN A 172 -3.14 -3.79 17.17
CA ASN A 172 -4.33 -4.32 16.55
C ASN A 172 -4.80 -5.59 17.26
N ALA A 173 -6.06 -5.93 17.04
CA ALA A 173 -6.59 -7.28 17.18
C ALA A 173 -6.48 -7.98 15.83
N VAL A 174 -6.45 -9.31 15.83
CA VAL A 174 -6.39 -10.06 14.58
C VAL A 174 -7.48 -11.11 14.49
N VAL A 175 -7.90 -11.37 13.26
CA VAL A 175 -8.73 -12.53 12.94
C VAL A 175 -7.93 -13.31 11.91
N VAL A 176 -7.46 -14.50 12.27
CA VAL A 176 -6.54 -15.26 11.42
C VAL A 176 -7.24 -16.51 10.93
N LYS A 177 -6.98 -16.86 9.69
CA LYS A 177 -7.50 -18.09 9.07
C LYS A 177 -6.32 -18.82 8.47
N PRO A 178 -5.85 -19.91 9.06
CA PRO A 178 -4.76 -20.67 8.45
C PRO A 178 -5.32 -21.49 7.30
N SER A 179 -4.42 -21.96 6.45
CA SER A 179 -4.82 -22.83 5.37
C SER A 179 -5.58 -24.05 5.91
N GLU A 180 -6.59 -24.47 5.15
CA GLU A 180 -7.33 -25.68 5.50
C GLU A 180 -6.43 -26.90 5.53
N ASP A 181 -5.32 -26.89 4.79
CA ASP A 181 -4.40 -28.01 4.83
C ASP A 181 -3.54 -28.02 6.08
N THR A 182 -3.37 -26.88 6.75
CA THR A 182 -2.38 -26.75 7.82
C THR A 182 -2.96 -25.94 8.96
N PRO A 183 -3.95 -26.50 9.67
CA PRO A 183 -4.57 -25.78 10.78
C PRO A 183 -3.84 -25.86 12.09
N GLY A 184 -2.87 -26.76 12.23
CA GLY A 184 -2.37 -27.13 13.55
C GLY A 184 -1.60 -26.07 14.32
N THR A 185 -0.52 -25.54 13.74
CA THR A 185 0.27 -24.57 14.50
C THR A 185 -0.50 -23.29 14.79
N ALA A 186 -1.46 -22.95 13.94
CA ALA A 186 -2.29 -21.78 14.22
C ALA A 186 -3.17 -22.02 15.43
N THR A 187 -3.71 -23.23 15.54
CA THR A 187 -4.49 -23.57 16.73
C THR A 187 -3.59 -23.60 17.96
N LEU A 188 -2.38 -24.15 17.83
CA LEU A 188 -1.47 -24.09 18.97
C LEU A 188 -1.09 -22.65 19.30
N LEU A 189 -0.98 -21.79 18.28
CA LEU A 189 -0.69 -20.38 18.59
C LEU A 189 -1.80 -19.78 19.42
N ALA A 190 -3.05 -20.13 19.08
CA ALA A 190 -4.17 -19.65 19.90
C ALA A 190 -4.04 -20.14 21.33
N GLU A 191 -3.61 -21.39 21.52
CA GLU A 191 -3.42 -21.89 22.88
C GLU A 191 -2.36 -21.08 23.61
N VAL A 192 -1.30 -20.68 22.91
CA VAL A 192 -0.25 -19.89 23.54
C VAL A 192 -0.78 -18.52 23.95
N MET A 193 -1.52 -17.86 23.05
CA MET A 193 -2.13 -16.57 23.38
C MET A 193 -2.98 -16.69 24.65
N GLU A 194 -3.81 -17.73 24.72
CA GLU A 194 -4.64 -17.91 25.92
C GLU A 194 -3.80 -18.17 27.16
N ALA A 195 -2.76 -19.00 27.01
CA ALA A 195 -1.94 -19.41 28.16
C ALA A 195 -1.17 -18.24 28.74
N VAL A 196 -0.69 -17.31 27.92
CA VAL A 196 0.05 -16.19 28.47
C VAL A 196 -0.84 -15.01 28.83
N GLY A 197 -2.15 -15.13 28.62
CA GLY A 197 -3.09 -14.14 29.08
C GLY A 197 -3.37 -12.98 28.14
N ILE A 198 -3.08 -13.11 26.86
CA ILE A 198 -3.48 -12.09 25.89
C ILE A 198 -4.98 -11.84 26.07
N PRO A 199 -5.44 -10.60 26.11
CA PRO A 199 -6.87 -10.37 26.43
C PRO A 199 -7.79 -11.01 25.39
N PRO A 200 -8.97 -11.45 25.83
CA PRO A 200 -9.90 -12.08 24.87
C PRO A 200 -10.30 -11.11 23.76
N GLY A 201 -10.39 -11.67 22.55
CA GLY A 201 -10.72 -10.91 21.37
C GLY A 201 -9.54 -10.29 20.65
N VAL A 202 -8.36 -10.25 21.27
CA VAL A 202 -7.18 -9.73 20.60
C VAL A 202 -6.71 -10.70 19.52
N PHE A 203 -6.69 -11.98 19.83
CA PHE A 203 -6.26 -13.00 18.87
C PHE A 203 -7.42 -13.95 18.62
N ASN A 204 -7.97 -13.93 17.41
CA ASN A 204 -9.07 -14.81 17.06
C ASN A 204 -8.65 -15.69 15.89
N LEU A 205 -9.05 -16.96 15.95
CA LEU A 205 -8.70 -18.01 15.01
C LEU A 205 -9.98 -18.60 14.45
N VAL A 206 -10.14 -18.52 13.13
CA VAL A 206 -11.28 -19.13 12.45
C VAL A 206 -10.74 -20.04 11.35
N HIS A 207 -11.25 -21.27 11.29
CA HIS A 207 -10.79 -22.26 10.35
C HIS A 207 -11.69 -22.33 9.15
N GLY A 208 -11.15 -22.82 8.05
CA GLY A 208 -11.96 -23.12 6.90
C GLY A 208 -11.20 -22.87 5.62
N PHE A 209 -11.98 -22.63 4.58
CA PHE A 209 -11.54 -22.50 3.20
C PHE A 209 -11.59 -21.05 2.77
N GLY A 210 -11.40 -20.82 1.47
CA GLY A 210 -11.49 -19.50 0.92
C GLY A 210 -12.91 -19.18 0.49
N PRO A 211 -13.27 -19.61 -0.71
CA PRO A 211 -14.60 -19.32 -1.27
C PRO A 211 -15.72 -19.84 -0.40
N ASN A 212 -16.72 -18.99 -0.18
CA ASN A 212 -17.89 -19.32 0.63
C ASN A 212 -17.50 -19.93 1.96
N SER A 213 -16.41 -19.43 2.55
CA SER A 213 -15.92 -19.92 3.84
C SER A 213 -15.19 -18.77 4.51
N ALA A 214 -14.45 -19.11 5.56
CA ALA A 214 -13.89 -18.08 6.44
C ALA A 214 -13.00 -17.10 5.70
N GLY A 215 -12.24 -17.57 4.70
CA GLY A 215 -11.37 -16.66 3.97
C GLY A 215 -12.13 -15.54 3.29
N GLU A 216 -13.22 -15.89 2.62
CA GLU A 216 -14.05 -14.90 1.98
C GLU A 216 -14.72 -14.01 3.00
N PHE A 217 -15.20 -14.60 4.10
CA PHE A 217 -15.93 -13.83 5.11
C PHE A 217 -15.04 -12.77 5.74
N ILE A 218 -13.79 -13.11 6.04
CA ILE A 218 -12.87 -12.10 6.53
C ILE A 218 -12.65 -11.02 5.48
N SER A 219 -12.38 -11.44 4.25
CA SER A 219 -12.04 -10.56 3.14
C SER A 219 -13.09 -9.47 2.95
N GLN A 220 -14.34 -9.86 3.05
CA GLN A 220 -15.46 -9.02 2.71
C GLN A 220 -16.06 -8.28 3.90
N HIS A 221 -15.58 -8.54 5.08
CA HIS A 221 -16.24 -7.95 6.23
C HIS A 221 -16.05 -6.43 6.23
N PRO A 222 -17.13 -5.65 6.35
CA PRO A 222 -16.98 -4.20 6.24
C PRO A 222 -16.18 -3.58 7.37
N ASP A 223 -16.01 -4.28 8.48
CA ASP A 223 -15.31 -3.72 9.63
C ASP A 223 -13.93 -4.32 9.84
N ILE A 224 -13.43 -5.10 8.88
CA ILE A 224 -12.01 -5.41 8.87
C ILE A 224 -11.24 -4.12 8.61
N SER A 225 -10.11 -3.94 9.24
CA SER A 225 -9.36 -2.68 9.08
C SER A 225 -8.16 -2.81 8.15
N ALA A 226 -7.72 -4.02 7.86
CA ALA A 226 -6.66 -4.26 6.87
C ALA A 226 -6.68 -5.73 6.58
N ILE A 227 -6.12 -6.09 5.42
CA ILE A 227 -6.03 -7.50 5.08
C ILE A 227 -4.61 -7.78 4.64
N THR A 228 -4.02 -8.82 5.22
CA THR A 228 -2.68 -9.25 4.88
C THR A 228 -2.79 -10.70 4.42
N PHE A 229 -2.19 -11.00 3.28
CA PHE A 229 -2.40 -12.28 2.62
C PHE A 229 -1.12 -12.73 1.94
N THR A 230 -0.82 -14.03 2.05
CA THR A 230 0.31 -14.66 1.36
C THR A 230 -0.21 -15.90 0.68
N GLY A 231 0.05 -16.00 -0.62
CA GLY A 231 -0.37 -17.16 -1.38
C GLY A 231 -0.46 -16.88 -2.86
N GLU A 232 -1.42 -17.51 -3.53
CA GLU A 232 -1.56 -17.43 -4.98
C GLU A 232 -1.98 -16.03 -5.42
N SER A 233 -1.34 -15.53 -6.48
CA SER A 233 -1.55 -14.16 -6.91
C SER A 233 -2.99 -13.90 -7.33
N LYS A 234 -3.64 -14.87 -7.98
CA LYS A 234 -5.02 -14.64 -8.42
C LYS A 234 -6.00 -14.60 -7.24
N THR A 235 -5.70 -15.31 -6.15
CA THR A 235 -6.43 -15.11 -4.90
C THR A 235 -6.17 -13.72 -4.35
N GLY A 236 -4.92 -13.25 -4.45
CA GLY A 236 -4.64 -11.85 -4.13
C GLY A 236 -5.55 -10.90 -4.88
N SER A 237 -5.73 -11.15 -6.18
CA SER A 237 -6.65 -10.34 -6.99
C SER A 237 -8.05 -10.32 -6.38
N THR A 238 -8.55 -11.50 -5.99
CA THR A 238 -9.91 -11.60 -5.45
C THR A 238 -10.03 -10.86 -4.14
N ILE A 239 -9.11 -11.11 -3.21
CA ILE A 239 -9.06 -10.38 -1.94
C ILE A 239 -9.05 -8.88 -2.19
N MET A 240 -8.22 -8.42 -3.12
CA MET A 240 -8.13 -6.99 -3.39
C MET A 240 -9.46 -6.42 -3.86
N ARG A 241 -10.18 -7.19 -4.68
CA ARG A 241 -11.51 -6.74 -5.10
C ARG A 241 -12.45 -6.63 -3.92
N ALA A 242 -12.41 -7.61 -3.00
CA ALA A 242 -13.20 -7.55 -1.78
C ALA A 242 -12.82 -6.31 -0.96
N ALA A 243 -11.53 -6.07 -0.82
CA ALA A 243 -11.06 -4.93 -0.03
C ALA A 243 -11.45 -3.60 -0.65
N ALA A 244 -11.72 -3.57 -1.96
CA ALA A 244 -12.03 -2.30 -2.62
C ALA A 244 -13.30 -1.65 -2.08
N GLU A 245 -14.28 -2.44 -1.59
CA GLU A 245 -15.55 -1.87 -1.15
C GLU A 245 -15.35 -0.80 -0.07
N GLY A 246 -14.41 -1.04 0.85
CA GLY A 246 -14.12 -0.09 1.91
C GLY A 246 -12.73 0.51 1.85
N VAL A 247 -12.13 0.49 0.66
CA VAL A 247 -10.74 0.83 0.41
C VAL A 247 -9.80 0.44 1.54
N LYS A 248 -9.89 -0.81 1.98
CA LYS A 248 -9.05 -1.40 3.00
C LYS A 248 -7.59 -1.53 2.56
N PRO A 249 -6.65 -1.18 3.43
CA PRO A 249 -5.23 -1.46 3.14
C PRO A 249 -5.01 -2.95 2.93
N VAL A 250 -4.15 -3.29 1.95
CA VAL A 250 -3.77 -4.69 1.72
C VAL A 250 -2.25 -4.79 1.64
N SER A 251 -1.72 -5.90 2.15
CA SER A 251 -0.31 -6.24 2.04
C SER A 251 -0.24 -7.66 1.53
N PHE A 252 0.44 -7.88 0.40
CA PHE A 252 0.37 -9.16 -0.30
C PHE A 252 1.78 -9.65 -0.61
N GLU A 253 1.99 -10.97 -0.50
CA GLU A 253 3.20 -11.67 -0.95
C GLU A 253 2.69 -12.86 -1.76
N LEU A 254 2.99 -12.91 -3.05
CA LEU A 254 2.15 -13.76 -3.91
C LEU A 254 2.97 -14.68 -4.82
N GLY A 255 3.97 -15.36 -4.28
CA GLY A 255 4.66 -16.35 -5.14
C GLY A 255 5.41 -15.74 -6.33
N GLY A 256 5.88 -16.60 -7.23
CA GLY A 256 6.63 -16.12 -8.38
C GLY A 256 7.22 -17.24 -9.24
N LYS A 257 8.12 -16.84 -10.17
CA LYS A 257 8.83 -17.78 -11.06
C LYS A 257 10.28 -17.29 -10.98
N ASN A 258 10.96 -17.63 -9.90
CA ASN A 258 12.19 -16.95 -9.52
C ASN A 258 13.40 -17.49 -10.28
N ALA A 259 14.32 -16.60 -10.60
CA ALA A 259 15.52 -16.94 -11.37
C ALA A 259 16.71 -17.15 -10.46
N ALA A 260 17.54 -18.13 -10.80
CA ALA A 260 18.90 -18.25 -10.29
C ALA A 260 19.87 -17.97 -11.41
N VAL A 261 20.94 -17.24 -11.12
CA VAL A 261 21.95 -16.91 -12.13
C VAL A 261 23.33 -17.33 -11.61
N ILE A 262 23.97 -18.25 -12.32
CA ILE A 262 25.20 -18.88 -11.85
C ILE A 262 26.30 -18.55 -12.85
N PHE A 263 27.23 -17.72 -12.41
CA PHE A 263 28.37 -17.40 -13.26
C PHE A 263 29.51 -18.38 -13.05
N ALA A 264 30.36 -18.47 -14.09
CA ALA A 264 31.45 -19.43 -14.10
C ALA A 264 32.47 -19.18 -13.00
N ASP A 265 32.57 -17.95 -12.51
CA ASP A 265 33.54 -17.63 -11.46
C ASP A 265 32.99 -17.87 -10.06
N CYS A 266 31.84 -18.53 -9.95
CA CYS A 266 31.25 -18.73 -8.64
C CYS A 266 32.13 -19.70 -7.85
N ASP A 267 31.91 -19.71 -6.54
CA ASP A 267 32.48 -20.72 -5.65
C ASP A 267 31.63 -21.96 -5.84
N PHE A 268 32.11 -22.89 -6.66
CA PHE A 268 31.25 -23.92 -7.20
C PHE A 268 30.61 -24.74 -6.08
N GLU A 269 31.41 -25.15 -5.10
CA GLU A 269 30.87 -25.98 -4.03
C GLU A 269 29.82 -25.24 -3.18
N LYS A 270 30.09 -23.99 -2.82
CA LYS A 270 29.09 -23.24 -2.05
C LYS A 270 27.82 -23.04 -2.86
N MET A 271 27.98 -22.77 -4.15
CA MET A 271 26.84 -22.56 -5.04
C MET A 271 25.98 -23.81 -5.09
N LEU A 272 26.60 -25.00 -5.24
CA LEU A 272 25.77 -26.20 -5.31
C LEU A 272 25.02 -26.45 -4.00
N ASP A 273 25.72 -26.28 -2.88
CA ASP A 273 25.08 -26.39 -1.57
C ASP A 273 23.88 -25.46 -1.48
N GLY A 274 24.06 -24.19 -1.88
CA GLY A 274 22.94 -23.25 -1.81
C GLY A 274 21.83 -23.56 -2.80
N MET A 275 22.23 -23.92 -4.03
CA MET A 275 21.24 -24.19 -5.05
C MET A 275 20.43 -25.45 -4.73
N MET A 276 20.98 -26.45 -4.03
CA MET A 276 20.16 -27.61 -3.70
C MET A 276 19.01 -27.18 -2.80
N ARG A 277 19.26 -26.19 -1.95
CA ARG A 277 18.19 -25.66 -1.12
C ARG A 277 17.23 -24.80 -1.92
N ALA A 278 17.76 -23.85 -2.71
CA ALA A 278 16.90 -22.98 -3.50
C ALA A 278 15.98 -23.77 -4.42
N LEU A 279 16.37 -24.98 -4.81
CA LEU A 279 15.56 -25.81 -5.67
C LEU A 279 14.59 -26.73 -4.92
N PHE A 280 15.06 -27.34 -3.83
CA PHE A 280 14.35 -28.47 -3.25
C PHE A 280 13.99 -28.33 -1.78
N LEU A 281 14.40 -27.25 -1.10
CA LEU A 281 13.96 -27.07 0.26
C LEU A 281 12.44 -27.06 0.32
N ASN A 282 11.89 -27.74 1.32
CA ASN A 282 10.44 -27.81 1.45
C ASN A 282 9.84 -28.42 0.19
N SER A 283 10.62 -29.27 -0.49
CA SER A 283 10.18 -29.90 -1.74
C SER A 283 9.79 -28.88 -2.79
N GLY A 284 10.53 -27.78 -2.84
CA GLY A 284 10.34 -26.73 -3.79
C GLY A 284 9.13 -25.86 -3.53
N GLN A 285 8.49 -26.00 -2.37
CA GLN A 285 7.27 -25.27 -2.03
C GLN A 285 7.53 -24.01 -1.17
N VAL A 286 8.76 -23.53 -1.12
CA VAL A 286 8.98 -22.17 -0.65
C VAL A 286 8.67 -21.23 -1.80
N CYS A 287 7.90 -20.17 -1.53
CA CYS A 287 7.59 -19.18 -2.56
C CYS A 287 8.87 -18.56 -3.16
N LEU A 288 9.98 -18.59 -2.44
CA LEU A 288 11.24 -17.99 -2.87
C LEU A 288 12.12 -18.94 -3.70
N CYS A 289 11.70 -20.18 -3.92
CA CYS A 289 12.54 -21.16 -4.62
C CYS A 289 12.79 -20.76 -6.08
N SER A 290 13.90 -21.21 -6.64
CA SER A 290 14.21 -21.00 -8.04
C SER A 290 13.56 -22.09 -8.90
N GLU A 291 12.90 -21.70 -9.97
CA GLU A 291 12.42 -22.64 -10.97
C GLU A 291 13.01 -22.37 -12.35
N ARG A 292 13.74 -21.27 -12.51
CA ARG A 292 14.46 -20.94 -13.75
C ARG A 292 15.91 -20.75 -13.33
N VAL A 293 16.81 -21.58 -13.88
CA VAL A 293 18.23 -21.53 -13.52
C VAL A 293 19.05 -21.25 -14.78
N TYR A 294 19.79 -20.13 -14.79
CA TYR A 294 20.64 -19.67 -15.89
C TYR A 294 22.07 -19.92 -15.46
N VAL A 295 22.82 -20.70 -16.25
CA VAL A 295 24.18 -21.10 -15.89
C VAL A 295 25.12 -20.67 -17.02
N GLU A 296 26.17 -19.94 -16.67
CA GLU A 296 27.09 -19.48 -17.71
C GLU A 296 27.68 -20.68 -18.47
N ARG A 297 27.71 -20.55 -19.80
CA ARG A 297 28.00 -21.70 -20.67
C ARG A 297 29.26 -22.47 -20.29
N PRO A 298 30.36 -21.82 -19.92
CA PRO A 298 31.59 -22.59 -19.64
C PRO A 298 31.47 -23.54 -18.46
N ILE A 299 30.54 -23.34 -17.54
CA ILE A 299 30.36 -24.35 -16.50
C ILE A 299 29.02 -25.08 -16.61
N PHE A 300 28.31 -24.98 -17.73
CA PHE A 300 26.97 -25.57 -17.81
C PHE A 300 27.03 -27.09 -17.69
N ASP A 301 27.91 -27.73 -18.44
CA ASP A 301 27.98 -29.18 -18.38
C ASP A 301 28.44 -29.65 -17.01
N ARG A 302 29.41 -28.96 -16.43
CA ARG A 302 29.85 -29.31 -15.08
C ARG A 302 28.71 -29.14 -14.08
N PHE A 303 27.97 -28.03 -14.20
CA PHE A 303 26.83 -27.84 -13.32
C PHE A 303 25.86 -29.00 -13.44
N CYS A 304 25.53 -29.41 -14.68
CA CYS A 304 24.50 -30.43 -14.87
C CYS A 304 24.96 -31.79 -14.34
N VAL A 305 26.23 -32.13 -14.55
CA VAL A 305 26.76 -33.39 -14.03
C VAL A 305 26.71 -33.40 -12.50
N ALA A 306 27.20 -32.33 -11.89
CA ALA A 306 27.30 -32.28 -10.43
C ALA A 306 25.92 -32.21 -9.82
N LEU A 307 25.04 -31.42 -10.41
CA LEU A 307 23.70 -31.31 -9.86
C LEU A 307 22.96 -32.64 -9.90
N ALA A 308 23.04 -33.36 -11.03
CA ALA A 308 22.39 -34.67 -11.09
C ALA A 308 22.94 -35.61 -10.01
N GLU A 309 24.26 -35.64 -9.82
CA GLU A 309 24.83 -36.50 -8.78
C GLU A 309 24.32 -36.09 -7.41
N ARG A 310 24.25 -34.78 -7.14
CA ARG A 310 23.75 -34.36 -5.83
C ARG A 310 22.32 -34.80 -5.62
N ILE A 311 21.51 -34.74 -6.67
CA ILE A 311 20.10 -35.09 -6.51
C ILE A 311 19.97 -36.58 -6.23
N LYS A 312 20.86 -37.40 -6.79
CA LYS A 312 20.79 -38.83 -6.48
C LYS A 312 21.03 -39.11 -5.00
N ALA A 313 21.81 -38.28 -4.35
CA ALA A 313 22.06 -38.44 -2.93
C ALA A 313 21.01 -37.78 -2.05
N LEU A 314 20.07 -37.03 -2.63
CA LEU A 314 19.12 -36.30 -1.79
C LEU A 314 18.17 -37.31 -1.15
N LYS A 315 18.08 -37.27 0.18
CA LYS A 315 17.30 -38.28 0.89
C LYS A 315 15.82 -37.89 0.87
N VAL A 316 15.02 -38.60 0.09
CA VAL A 316 13.59 -38.43 -0.02
C VAL A 316 12.98 -39.58 0.76
N ASP A 317 12.55 -39.33 1.98
CA ASP A 317 12.33 -40.46 2.89
C ASP A 317 11.53 -40.00 4.11
N TRP A 318 11.39 -40.89 5.09
CA TRP A 318 10.66 -40.62 6.31
C TRP A 318 11.02 -39.22 6.85
N PRO A 319 10.08 -38.29 6.95
CA PRO A 319 10.45 -36.94 7.40
C PRO A 319 10.96 -36.85 8.81
N HIS A 320 10.62 -37.81 9.65
CA HIS A 320 11.06 -37.75 11.03
C HIS A 320 12.51 -38.17 11.20
N GLU A 321 13.10 -38.80 10.19
CA GLU A 321 14.52 -39.13 10.24
C GLU A 321 15.36 -37.87 10.07
N THR A 322 16.32 -37.67 10.99
CA THR A 322 17.07 -36.42 11.09
C THR A 322 17.85 -36.15 9.81
N ASP A 323 18.07 -37.20 9.04
CA ASP A 323 18.80 -37.31 7.79
C ASP A 323 18.00 -36.82 6.60
N THR A 324 16.68 -36.95 6.66
CA THR A 324 15.90 -36.71 5.46
C THR A 324 15.97 -35.28 5.02
N GLN A 325 16.02 -35.06 3.71
CA GLN A 325 16.11 -33.72 3.15
C GLN A 325 14.87 -33.29 2.39
N MET A 326 14.08 -34.25 1.89
CA MET A 326 12.83 -33.92 1.21
C MET A 326 11.69 -34.81 1.67
N GLY A 327 10.56 -34.20 1.99
CA GLY A 327 9.35 -34.95 2.30
C GLY A 327 8.42 -34.95 1.10
N PRO A 328 7.12 -35.34 1.30
CA PRO A 328 6.15 -35.26 0.19
C PRO A 328 5.78 -33.80 -0.10
N LEU A 329 4.90 -33.57 -1.08
CA LEU A 329 4.21 -32.31 -1.29
C LEU A 329 3.09 -32.19 -0.27
N ILE A 330 2.43 -31.01 -0.23
CA ILE A 330 1.50 -30.74 0.87
C ILE A 330 0.28 -31.63 0.75
N SER A 331 -0.14 -31.99 -0.46
CA SER A 331 -1.44 -32.61 -0.64
C SER A 331 -1.49 -33.40 -1.94
N SER A 332 -2.45 -34.31 -2.04
CA SER A 332 -2.63 -35.08 -3.27
C SER A 332 -3.00 -34.17 -4.44
N LYS A 333 -3.84 -33.17 -4.17
CA LYS A 333 -4.22 -32.20 -5.19
C LYS A 333 -3.00 -31.42 -5.68
N HIS A 334 -2.16 -30.95 -4.77
CA HIS A 334 -0.96 -30.26 -5.26
C HIS A 334 -0.03 -31.21 -6.01
N ARG A 335 0.18 -32.42 -5.47
CA ARG A 335 0.94 -33.44 -6.22
C ARG A 335 0.39 -33.62 -7.63
N ASP A 336 -0.96 -33.77 -7.75
CA ASP A 336 -1.55 -33.86 -9.08
C ASP A 336 -1.17 -32.67 -9.96
N LYS A 337 -1.22 -31.45 -9.40
CA LYS A 337 -0.86 -30.28 -10.21
C LYS A 337 0.60 -30.33 -10.66
N VAL A 338 1.51 -30.72 -9.76
CA VAL A 338 2.92 -30.76 -10.13
C VAL A 338 3.19 -31.84 -11.18
N LEU A 339 2.68 -33.05 -10.97
CA LEU A 339 2.84 -34.09 -11.99
C LEU A 339 2.22 -33.69 -13.32
N SER A 340 1.11 -32.94 -13.30
CA SER A 340 0.60 -32.44 -14.58
C SER A 340 1.58 -31.47 -15.22
N TYR A 341 2.35 -30.73 -14.41
CA TYR A 341 3.38 -29.89 -15.03
C TYR A 341 4.54 -30.74 -15.52
N PHE A 342 4.86 -31.83 -14.82
CA PHE A 342 5.88 -32.74 -15.34
C PHE A 342 5.47 -33.26 -16.70
N GLU A 343 4.19 -33.62 -16.84
CA GLU A 343 3.72 -34.14 -18.12
C GLU A 343 3.66 -33.04 -19.16
N LEU A 344 3.31 -31.81 -18.76
CA LEU A 344 3.34 -30.73 -19.74
C LEU A 344 4.75 -30.53 -20.23
N ALA A 345 5.74 -30.69 -19.34
CA ALA A 345 7.13 -30.59 -19.77
C ALA A 345 7.46 -31.66 -20.80
N ARG A 346 7.08 -32.92 -20.51
N ARG A 346 7.02 -32.91 -20.56
CA ARG A 346 7.21 -33.98 -21.49
CA ARG A 346 7.30 -33.96 -21.53
C ARG A 346 6.67 -33.53 -22.84
C ARG A 346 6.61 -33.68 -22.86
N GLN A 347 5.45 -33.01 -22.84
CA GLN A 347 4.77 -32.65 -24.09
C GLN A 347 5.45 -31.49 -24.80
N GLU A 348 6.09 -30.59 -24.06
CA GLU A 348 6.79 -29.45 -24.65
C GLU A 348 8.19 -29.83 -25.15
N GLY A 349 8.59 -31.09 -25.00
CA GLY A 349 9.86 -31.59 -25.50
C GLY A 349 11.04 -31.57 -24.53
N ALA A 350 10.81 -31.48 -23.23
CA ALA A 350 11.92 -31.28 -22.31
C ALA A 350 12.80 -32.51 -22.18
N THR A 351 14.08 -32.27 -21.92
CA THR A 351 15.00 -33.32 -21.47
C THR A 351 14.97 -33.34 -19.95
N PHE A 352 14.79 -34.53 -19.38
CA PHE A 352 14.81 -34.70 -17.94
C PHE A 352 16.21 -35.11 -17.51
N LEU A 353 16.91 -34.21 -16.81
CA LEU A 353 18.21 -34.54 -16.23
C LEU A 353 18.08 -35.32 -14.95
N ALA A 354 16.97 -35.17 -14.23
CA ALA A 354 16.73 -35.90 -13.01
C ALA A 354 15.23 -35.94 -12.81
N GLY A 355 14.75 -36.99 -12.13
CA GLY A 355 13.38 -37.03 -11.65
C GLY A 355 12.37 -37.13 -12.76
N GLY A 356 11.23 -36.45 -12.57
CA GLY A 356 10.12 -36.55 -13.49
C GLY A 356 9.04 -37.52 -13.07
N GLY A 357 9.23 -38.24 -11.97
CA GLY A 357 8.23 -39.18 -11.54
C GLY A 357 7.96 -39.14 -10.06
N VAL A 358 7.54 -40.28 -9.54
CA VAL A 358 7.09 -40.40 -8.16
C VAL A 358 7.93 -41.48 -7.50
N PRO A 359 8.43 -41.28 -6.28
CA PRO A 359 9.10 -42.38 -5.57
C PRO A 359 8.12 -43.46 -5.15
N ARG A 360 8.62 -44.68 -5.07
CA ARG A 360 7.84 -45.85 -4.67
C ARG A 360 8.50 -46.44 -3.43
N PHE A 361 7.78 -46.45 -2.32
CA PHE A 361 8.34 -46.97 -1.09
C PHE A 361 7.89 -48.40 -0.78
N GLY A 362 6.82 -48.87 -1.40
CA GLY A 362 6.30 -50.19 -1.07
C GLY A 362 5.68 -50.28 0.30
N ASP A 363 5.14 -49.18 0.81
CA ASP A 363 4.40 -49.16 2.05
C ASP A 363 3.37 -48.03 1.96
N GLU A 364 2.78 -47.68 3.10
CA GLU A 364 1.66 -46.75 3.11
C GLU A 364 2.04 -45.37 2.60
N ARG A 365 3.33 -45.05 2.57
CA ARG A 365 3.71 -43.74 2.05
C ARG A 365 3.26 -43.56 0.62
N ASP A 366 3.06 -44.66 -0.11
CA ASP A 366 2.61 -44.58 -1.50
C ASP A 366 1.20 -44.05 -1.61
N ASN A 367 0.46 -44.04 -0.52
CA ASN A 367 -0.81 -43.34 -0.48
C ASN A 367 -0.66 -41.86 -0.20
N GLY A 368 0.56 -41.38 0.06
CA GLY A 368 0.78 -39.97 0.26
C GLY A 368 1.04 -39.22 -1.02
N ALA A 369 1.58 -38.01 -0.88
CA ALA A 369 1.64 -37.08 -1.99
C ALA A 369 3.08 -36.82 -2.39
N TRP A 370 3.82 -37.88 -2.75
CA TRP A 370 5.25 -37.75 -2.99
C TRP A 370 5.58 -37.49 -4.46
N VAL A 371 6.66 -36.76 -4.68
CA VAL A 371 7.16 -36.47 -6.02
C VAL A 371 8.69 -36.45 -5.95
N GLU A 372 9.33 -36.84 -7.06
CA GLU A 372 10.79 -36.80 -7.17
C GLU A 372 11.32 -35.37 -7.42
N PRO A 373 12.47 -35.03 -6.85
CA PRO A 373 13.18 -33.81 -7.30
C PRO A 373 13.57 -33.95 -8.76
N THR A 374 13.32 -32.89 -9.53
CA THR A 374 13.27 -32.98 -10.97
C THR A 374 14.00 -31.80 -11.59
N VAL A 375 14.77 -32.08 -12.62
CA VAL A 375 15.49 -31.03 -13.35
C VAL A 375 15.20 -31.25 -14.82
N ILE A 376 14.67 -30.23 -15.50
CA ILE A 376 14.48 -30.32 -16.95
C ILE A 376 15.37 -29.32 -17.65
N ALA A 377 15.59 -29.53 -18.94
CA ALA A 377 16.47 -28.73 -19.77
C ALA A 377 15.98 -28.80 -21.21
N GLY A 378 16.57 -27.96 -22.06
CA GLY A 378 16.34 -28.01 -23.49
C GLY A 378 15.21 -27.16 -24.04
N LEU A 379 14.56 -26.34 -23.23
CA LEU A 379 13.41 -25.59 -23.70
C LEU A 379 13.72 -24.10 -23.87
N SER A 380 12.85 -23.45 -24.64
CA SER A 380 12.83 -22.01 -24.84
C SER A 380 12.45 -21.29 -23.55
N ASP A 381 12.87 -20.02 -23.47
CA ASP A 381 12.37 -19.14 -22.42
C ASP A 381 10.86 -18.94 -22.51
N ASP A 382 10.25 -19.32 -23.63
CA ASP A 382 8.83 -19.08 -23.87
C ASP A 382 7.92 -20.26 -23.52
N ALA A 383 8.50 -21.44 -23.27
CA ALA A 383 7.69 -22.62 -22.95
C ALA A 383 6.92 -22.44 -21.64
N ARG A 384 5.74 -23.06 -21.60
CA ARG A 384 4.85 -22.88 -20.47
C ARG A 384 5.49 -23.33 -19.17
N VAL A 385 6.21 -24.46 -19.18
CA VAL A 385 6.76 -24.95 -17.92
C VAL A 385 7.94 -24.08 -17.47
N VAL A 386 8.46 -23.24 -18.36
CA VAL A 386 9.56 -22.34 -18.00
C VAL A 386 9.04 -21.03 -17.45
N ARG A 387 7.80 -20.66 -17.75
CA ARG A 387 7.26 -19.37 -17.31
C ARG A 387 6.25 -19.47 -16.18
N GLU A 388 5.51 -20.57 -16.06
CA GLU A 388 4.42 -20.69 -15.09
C GLU A 388 4.90 -21.30 -13.78
N GLU A 389 4.48 -20.71 -12.65
CA GLU A 389 4.92 -21.17 -11.34
C GLU A 389 4.39 -22.58 -11.16
N ILE A 390 5.27 -23.50 -10.79
CA ILE A 390 4.88 -24.88 -10.55
C ILE A 390 4.75 -25.13 -9.06
N PHE A 391 5.66 -24.55 -8.28
CA PHE A 391 5.60 -24.64 -6.83
C PHE A 391 5.84 -26.07 -6.39
N GLY A 392 6.79 -26.71 -7.06
CA GLY A 392 7.24 -28.02 -6.69
C GLY A 392 8.74 -28.12 -6.86
N PRO A 393 9.29 -29.31 -6.61
CA PRO A 393 10.76 -29.50 -6.63
C PRO A 393 11.27 -29.68 -8.06
N ILE A 394 11.34 -28.57 -8.79
CA ILE A 394 11.69 -28.62 -10.22
C ILE A 394 12.33 -27.30 -10.62
N CYS A 395 13.31 -27.37 -11.51
CA CYS A 395 13.76 -26.17 -12.20
C CYS A 395 14.06 -26.57 -13.65
N HIS A 396 13.93 -25.59 -14.52
CA HIS A 396 14.43 -25.66 -15.89
C HIS A 396 15.80 -24.99 -15.90
N VAL A 397 16.80 -25.66 -16.45
CA VAL A 397 18.17 -25.13 -16.45
C VAL A 397 18.61 -24.88 -17.89
N THR A 398 19.29 -23.76 -18.12
CA THR A 398 19.62 -23.32 -19.47
C THR A 398 20.91 -22.49 -19.46
N PRO A 399 21.72 -22.57 -20.49
CA PRO A 399 22.97 -21.80 -20.52
C PRO A 399 22.75 -20.36 -20.94
N PHE A 400 23.66 -19.49 -20.48
CA PHE A 400 23.72 -18.11 -20.98
C PHE A 400 25.17 -17.75 -21.30
N ASP A 401 25.33 -16.70 -22.10
CA ASP A 401 26.67 -16.28 -22.50
C ASP A 401 27.08 -14.93 -21.95
N SER A 402 26.19 -13.96 -21.85
CA SER A 402 26.62 -12.64 -21.37
C SER A 402 25.78 -12.14 -20.20
N GLU A 403 26.36 -11.17 -19.49
CA GLU A 403 25.68 -10.55 -18.36
C GLU A 403 24.42 -9.79 -18.79
N SER A 404 24.51 -8.94 -19.82
CA SER A 404 23.31 -8.21 -20.23
C SER A 404 22.23 -9.16 -20.73
N GLU A 405 22.62 -10.25 -21.39
CA GLU A 405 21.65 -11.25 -21.79
C GLU A 405 20.91 -11.82 -20.58
N VAL A 406 21.65 -12.25 -19.55
CA VAL A 406 21.01 -13.03 -18.48
C VAL A 406 20.18 -12.12 -17.60
N ILE A 407 20.56 -10.84 -17.50
CA ILE A 407 19.70 -9.89 -16.81
C ILE A 407 18.38 -9.78 -17.54
N ARG A 408 18.41 -9.65 -18.85
CA ARG A 408 17.15 -9.59 -19.61
C ARG A 408 16.32 -10.86 -19.39
N ARG A 409 16.93 -12.03 -19.54
CA ARG A 409 16.18 -13.27 -19.45
C ARG A 409 15.66 -13.50 -18.03
N ALA A 410 16.46 -13.16 -17.02
CA ALA A 410 15.97 -13.29 -15.65
C ALA A 410 14.75 -12.41 -15.40
N ASN A 411 14.78 -11.19 -15.92
CA ASN A 411 13.69 -10.25 -15.69
C ASN A 411 12.50 -10.45 -16.63
N ASP A 412 12.57 -11.41 -17.52
CA ASP A 412 11.49 -11.67 -18.49
C ASP A 412 10.40 -12.53 -17.85
N THR A 413 9.62 -11.89 -16.99
CA THR A 413 8.50 -12.52 -16.29
C THR A 413 7.60 -11.42 -15.77
N ARG A 414 6.32 -11.76 -15.56
CA ARG A 414 5.38 -10.82 -14.95
C ARG A 414 5.43 -10.86 -13.42
N TYR A 415 6.09 -11.88 -12.89
CA TYR A 415 6.39 -12.00 -11.48
C TYR A 415 7.57 -11.12 -11.06
N GLY A 416 7.97 -11.25 -9.80
CA GLY A 416 9.14 -10.59 -9.29
C GLY A 416 9.32 -10.72 -7.80
N LEU A 417 9.46 -11.97 -7.34
CA LEU A 417 9.58 -12.16 -5.91
C LEU A 417 11.04 -12.11 -5.52
N ALA A 418 11.86 -13.03 -6.07
CA ALA A 418 13.23 -13.18 -5.61
C ALA A 418 14.16 -13.66 -6.71
N ALA A 419 15.46 -13.46 -6.48
CA ALA A 419 16.54 -13.94 -7.32
C ALA A 419 17.69 -14.38 -6.43
N THR A 420 18.53 -15.25 -6.97
CA THR A 420 19.75 -15.69 -6.28
C THR A 420 20.84 -15.70 -7.33
N ILE A 421 21.91 -14.99 -7.04
CA ILE A 421 23.03 -14.75 -7.93
C ILE A 421 24.30 -15.33 -7.28
N TRP A 422 25.10 -16.06 -8.06
CA TRP A 422 26.32 -16.77 -7.61
C TRP A 422 27.50 -16.29 -8.46
N THR A 423 28.42 -15.55 -7.84
CA THR A 423 29.61 -15.04 -8.49
C THR A 423 30.61 -14.59 -7.41
N THR A 424 31.90 -14.70 -7.69
CA THR A 424 32.88 -14.13 -6.76
C THR A 424 33.43 -12.79 -7.24
N ASN A 425 32.85 -12.21 -8.28
CA ASN A 425 33.34 -10.96 -8.84
C ASN A 425 32.62 -9.80 -8.16
N LEU A 426 33.38 -8.88 -7.58
CA LEU A 426 32.82 -7.80 -6.78
C LEU A 426 31.83 -6.96 -7.56
N SER A 427 32.28 -6.34 -8.66
CA SER A 427 31.39 -5.42 -9.36
C SER A 427 30.21 -6.14 -9.99
N ARG A 428 30.42 -7.36 -10.50
CA ARG A 428 29.32 -8.08 -11.12
C ARG A 428 28.23 -8.40 -10.10
N ALA A 429 28.63 -8.82 -8.91
CA ALA A 429 27.67 -9.19 -7.89
C ALA A 429 26.71 -8.05 -7.61
N HIS A 430 27.26 -6.83 -7.37
CA HIS A 430 26.42 -5.67 -7.02
C HIS A 430 25.61 -5.19 -8.21
N ARG A 431 26.26 -5.12 -9.38
CA ARG A 431 25.60 -4.65 -10.60
C ARG A 431 24.43 -5.56 -10.98
N VAL A 432 24.65 -6.88 -11.01
CA VAL A 432 23.59 -7.76 -11.47
C VAL A 432 22.47 -7.85 -10.42
N SER A 433 22.84 -8.12 -9.17
CA SER A 433 21.80 -8.30 -8.15
C SER A 433 20.86 -7.09 -8.09
N GLU A 434 21.42 -5.88 -8.17
CA GLU A 434 20.57 -4.69 -8.03
C GLU A 434 19.61 -4.54 -9.20
N LEU A 435 19.97 -5.04 -10.36
CA LEU A 435 19.12 -4.94 -11.54
C LEU A 435 18.06 -6.03 -11.63
N MET A 436 18.09 -7.02 -10.75
CA MET A 436 16.97 -7.94 -10.70
C MET A 436 15.68 -7.23 -10.35
N ARG A 437 14.60 -7.47 -11.09
CA ARG A 437 13.33 -6.84 -10.75
C ARG A 437 12.55 -7.70 -9.76
N VAL A 438 12.99 -7.66 -8.51
CA VAL A 438 12.50 -8.55 -7.47
C VAL A 438 12.51 -7.82 -6.15
N GLY A 439 11.78 -8.37 -5.17
CA GLY A 439 11.81 -7.82 -3.83
C GLY A 439 13.08 -8.16 -3.07
N ILE A 440 13.66 -9.34 -3.30
CA ILE A 440 14.84 -9.80 -2.57
C ILE A 440 15.80 -10.46 -3.56
N SER A 441 17.02 -9.96 -3.60
CA SER A 441 18.02 -10.38 -4.56
C SER A 441 19.25 -10.80 -3.76
N TRP A 442 19.44 -12.11 -3.65
CA TRP A 442 20.50 -12.69 -2.84
C TRP A 442 21.74 -12.88 -3.69
N VAL A 443 22.92 -12.64 -3.08
CA VAL A 443 24.20 -12.94 -3.73
C VAL A 443 24.93 -13.95 -2.87
N ASN A 444 25.28 -15.07 -3.48
CA ASN A 444 26.04 -16.16 -2.88
C ASN A 444 25.37 -16.72 -1.64
N THR A 445 24.04 -16.71 -1.64
CA THR A 445 23.22 -17.29 -0.60
C THR A 445 21.79 -17.36 -1.15
N TRP A 446 20.87 -17.91 -0.37
CA TRP A 446 19.46 -18.03 -0.73
C TRP A 446 18.66 -18.17 0.56
N PHE A 447 17.50 -17.49 0.65
CA PHE A 447 16.56 -17.63 1.78
C PHE A 447 17.18 -17.21 3.13
N LEU A 448 18.01 -16.19 3.12
CA LEU A 448 18.48 -15.49 4.34
C LEU A 448 17.62 -14.26 4.61
N ARG A 449 16.90 -14.25 5.73
CA ARG A 449 15.79 -13.30 5.91
C ARG A 449 16.03 -12.41 7.13
N ASP A 450 16.52 -11.20 6.88
CA ASP A 450 16.72 -10.22 7.95
C ASP A 450 15.42 -9.47 8.24
N LEU A 451 14.85 -9.72 9.41
CA LEU A 451 13.48 -9.29 9.71
C LEU A 451 13.37 -7.78 9.82
N ARG A 452 14.49 -7.07 9.74
CA ARG A 452 14.51 -5.61 9.82
C ARG A 452 14.49 -4.95 8.44
N THR A 453 14.61 -5.72 7.40
CA THR A 453 14.78 -5.21 6.05
C THR A 453 13.47 -5.29 5.29
N PRO A 454 13.31 -4.47 4.26
CA PRO A 454 12.07 -4.49 3.45
C PRO A 454 11.95 -5.76 2.63
N PHE A 455 10.79 -6.39 2.71
CA PHE A 455 10.58 -7.66 2.02
C PHE A 455 9.22 -7.66 1.36
N GLY A 456 9.13 -8.23 0.15
CA GLY A 456 7.90 -8.13 -0.60
C GLY A 456 8.16 -8.55 -2.03
N GLY A 457 7.15 -8.39 -2.86
CA GLY A 457 7.23 -8.80 -4.26
C GLY A 457 6.85 -7.68 -5.21
N ALA A 458 7.53 -7.64 -6.36
CA ALA A 458 7.22 -6.77 -7.48
C ALA A 458 6.23 -7.44 -8.44
N GLY A 459 5.52 -6.63 -9.21
CA GLY A 459 4.61 -7.17 -10.22
C GLY A 459 3.55 -8.06 -9.60
N LEU A 460 3.26 -9.17 -10.28
CA LEU A 460 2.27 -10.12 -9.78
C LEU A 460 2.64 -10.73 -8.42
N SER A 461 3.89 -10.59 -7.97
CA SER A 461 4.37 -11.23 -6.75
C SER A 461 4.00 -10.49 -5.47
N GLY A 462 3.37 -9.32 -5.53
CA GLY A 462 2.95 -8.73 -4.26
C GLY A 462 2.51 -7.29 -4.41
N ILE A 463 2.14 -6.73 -3.25
CA ILE A 463 1.88 -5.31 -3.06
C ILE A 463 2.47 -4.92 -1.70
N GLY A 464 3.26 -3.84 -1.67
CA GLY A 464 3.81 -3.31 -0.43
C GLY A 464 5.11 -3.98 -0.01
N ARG A 465 5.66 -3.47 1.09
CA ARG A 465 6.78 -4.14 1.74
C ARG A 465 6.49 -4.28 3.23
N GLU A 466 7.01 -5.36 3.81
CA GLU A 466 7.01 -5.58 5.26
C GLU A 466 8.46 -5.81 5.67
N GLY A 467 8.66 -5.91 6.97
CA GLY A 467 9.99 -5.99 7.51
C GLY A 467 10.29 -4.69 8.19
N GLY A 468 10.85 -4.76 9.40
CA GLY A 468 11.25 -3.58 10.12
C GLY A 468 10.11 -2.61 10.24
N MET A 469 10.45 -1.35 10.06
CA MET A 469 9.46 -0.29 10.13
C MET A 469 8.49 -0.34 8.97
N HIS A 470 8.82 -1.04 7.88
CA HIS A 470 7.81 -1.18 6.81
C HIS A 470 6.60 -1.92 7.33
N SER A 471 6.80 -2.88 8.22
CA SER A 471 5.67 -3.57 8.84
C SER A 471 4.95 -2.67 9.84
N LEU A 472 5.69 -2.01 10.71
CA LEU A 472 4.99 -1.22 11.72
C LEU A 472 4.19 -0.11 11.07
N ASN A 473 4.68 0.41 9.94
CA ASN A 473 3.92 1.43 9.23
C ASN A 473 2.71 0.83 8.56
N PHE A 474 2.81 -0.37 8.02
CA PHE A 474 1.64 -0.89 7.36
C PHE A 474 0.53 -1.25 8.36
N TYR A 475 0.88 -1.85 9.49
CA TYR A 475 -0.15 -2.28 10.43
C TYR A 475 -0.61 -1.17 11.40
N SER A 476 -0.21 0.07 11.17
CA SER A 476 -0.53 1.21 12.00
C SER A 476 -1.31 2.23 11.17
N GLU A 477 -2.17 2.99 11.85
CA GLU A 477 -2.69 4.23 11.29
C GLU A 477 -1.75 5.36 11.68
N LEU A 478 -1.24 6.15 10.71
CA LEU A 478 -0.36 7.27 11.00
C LEU A 478 -1.17 8.57 10.99
N THR A 479 -1.14 9.29 12.10
CA THR A 479 -1.80 10.57 12.26
C THR A 479 -0.67 11.58 12.41
N ASN A 480 -0.47 12.44 11.42
CA ASN A 480 0.54 13.49 11.55
C ASN A 480 -0.11 14.60 12.37
N VAL A 481 0.42 14.83 13.57
CA VAL A 481 -0.06 15.89 14.44
C VAL A 481 0.76 17.15 14.10
N CYS A 482 0.10 18.24 13.72
CA CYS A 482 0.81 19.43 13.28
C CYS A 482 0.39 20.61 14.14
N VAL A 483 1.28 21.01 15.03
CA VAL A 483 0.99 21.97 16.10
C VAL A 483 1.67 23.30 15.79
N ARG A 484 0.87 24.33 15.53
CA ARG A 484 1.39 25.67 15.28
C ARG A 484 1.75 26.31 16.61
N ILE A 485 2.98 26.80 16.71
CA ILE A 485 3.49 27.45 17.90
C ILE A 485 3.61 28.93 17.55
N ASP A 486 2.71 29.72 18.13
CA ASP A 486 2.63 31.16 17.91
C ASP A 486 3.70 31.88 18.72
N LYS A 487 4.24 32.96 18.14
CA LYS A 487 5.03 33.92 18.92
C LYS A 487 4.18 34.44 20.07
N GLU A 488 4.82 34.89 21.15
CA GLU A 488 4.08 35.43 22.31
C GLU A 488 3.23 36.63 21.89
N SER A 489 1.99 36.73 22.35
CA SER A 489 1.07 37.84 22.00
C SER A 489 1.06 38.87 23.13
N SER B 1 -8.93 33.60 -31.13
CA SER B 1 -9.66 32.32 -31.37
C SER B 1 -9.59 31.47 -30.09
N MET B 2 -10.18 30.28 -30.10
CA MET B 2 -10.43 29.55 -28.85
C MET B 2 -9.33 28.54 -28.55
N LYS B 3 -8.84 28.61 -27.32
CA LYS B 3 -7.75 27.76 -26.86
C LYS B 3 -8.05 26.29 -27.10
N GLN B 4 -7.03 25.57 -27.59
CA GLN B 4 -7.05 24.11 -27.64
C GLN B 4 -6.17 23.56 -26.53
N TYR B 5 -6.68 22.59 -25.80
CA TYR B 5 -5.92 21.84 -24.82
C TYR B 5 -5.78 20.44 -25.40
N ARG B 6 -4.58 20.13 -25.91
CA ARG B 6 -4.35 18.88 -26.62
C ARG B 6 -3.70 17.85 -25.70
N ASN B 7 -3.70 16.61 -26.17
CA ASN B 7 -2.95 15.55 -25.52
C ASN B 7 -1.46 15.69 -25.85
N PHE B 8 -0.62 15.07 -25.01
CA PHE B 8 0.84 15.09 -25.20
C PHE B 8 1.33 13.66 -24.98
N VAL B 9 1.71 12.96 -26.06
CA VAL B 9 2.09 11.55 -25.97
C VAL B 9 3.40 11.37 -26.71
N ASP B 10 4.39 10.84 -26.01
CA ASP B 10 5.69 10.50 -26.60
C ASP B 10 6.27 11.71 -27.34
N GLY B 11 6.18 12.87 -26.70
CA GLY B 11 6.77 14.08 -27.21
C GLY B 11 5.98 14.81 -28.27
N LYS B 12 4.78 14.34 -28.61
CA LYS B 12 3.99 14.91 -29.69
C LYS B 12 2.63 15.34 -29.17
N TRP B 13 2.21 16.53 -29.57
CA TRP B 13 0.83 16.96 -29.37
C TRP B 13 -0.10 16.20 -30.30
N VAL B 14 -1.25 15.79 -29.76
CA VAL B 14 -2.16 14.87 -30.42
C VAL B 14 -3.57 15.40 -30.23
N GLU B 15 -4.27 15.65 -31.32
CA GLU B 15 -5.66 16.09 -31.32
C GLU B 15 -6.59 14.89 -31.49
N SER B 16 -7.90 15.16 -31.38
CA SER B 16 -8.87 14.07 -31.37
C SER B 16 -10.12 14.42 -32.15
N SER B 17 -10.72 13.37 -32.74
CA SER B 17 -12.06 13.48 -33.29
C SER B 17 -13.02 14.00 -32.22
N LYS B 18 -13.08 13.30 -31.10
CA LYS B 18 -13.98 13.64 -30.02
C LYS B 18 -13.36 14.73 -29.14
N THR B 19 -14.11 15.80 -28.93
CA THR B 19 -13.69 16.91 -28.09
C THR B 19 -14.83 17.31 -27.16
N PHE B 20 -14.47 18.16 -26.18
CA PHE B 20 -15.42 18.66 -25.21
C PHE B 20 -14.98 20.03 -24.73
N GLN B 21 -15.92 20.78 -24.17
CA GLN B 21 -15.69 22.17 -23.81
C GLN B 21 -15.15 22.29 -22.38
N ASP B 22 -14.30 23.28 -22.18
CA ASP B 22 -13.86 23.73 -20.86
C ASP B 22 -14.68 24.96 -20.51
N VAL B 23 -15.54 24.84 -19.51
CA VAL B 23 -16.48 25.90 -19.13
C VAL B 23 -15.96 26.54 -17.86
N THR B 24 -15.94 27.88 -17.81
CA THR B 24 -15.56 28.55 -16.56
C THR B 24 -16.81 28.74 -15.69
N PRO B 25 -16.76 28.37 -14.40
CA PRO B 25 -17.94 28.56 -13.53
C PRO B 25 -18.17 30.00 -13.15
N ILE B 26 -17.27 30.90 -13.51
CA ILE B 26 -17.50 32.31 -13.22
C ILE B 26 -18.80 32.78 -13.87
N ASP B 27 -18.96 32.47 -15.15
CA ASP B 27 -20.13 32.94 -15.89
C ASP B 27 -20.65 31.91 -16.87
N GLY B 28 -20.18 30.66 -16.80
CA GLY B 28 -20.67 29.60 -17.67
C GLY B 28 -20.16 29.67 -19.09
N SER B 29 -19.23 30.56 -19.38
CA SER B 29 -18.65 30.67 -20.72
C SER B 29 -17.79 29.43 -21.03
N VAL B 30 -17.46 29.28 -22.32
CA VAL B 30 -16.41 28.37 -22.76
C VAL B 30 -15.09 29.12 -22.78
N VAL B 31 -14.02 28.50 -22.26
CA VAL B 31 -12.70 29.12 -22.30
C VAL B 31 -11.68 28.27 -23.06
N ALA B 32 -12.01 27.04 -23.41
CA ALA B 32 -11.15 26.20 -24.25
C ALA B 32 -11.96 25.00 -24.71
N VAL B 33 -11.41 24.27 -25.68
CA VAL B 33 -11.92 22.95 -26.00
C VAL B 33 -10.78 21.93 -25.90
N VAL B 34 -11.16 20.72 -25.51
CA VAL B 34 -10.24 19.71 -25.03
C VAL B 34 -10.39 18.47 -25.88
N HIS B 35 -9.25 17.84 -26.23
CA HIS B 35 -9.22 16.73 -27.16
C HIS B 35 -9.15 15.42 -26.40
N GLU B 36 -10.21 14.62 -26.50
CA GLU B 36 -10.35 13.42 -25.71
C GLU B 36 -9.51 12.29 -26.29
N ALA B 37 -8.91 11.49 -25.41
CA ALA B 37 -8.04 10.39 -25.79
C ALA B 37 -8.82 9.08 -25.75
N ASP B 38 -8.68 8.28 -26.80
CA ASP B 38 -9.35 6.98 -26.87
C ASP B 38 -8.49 5.92 -26.19
N ARG B 39 -9.05 4.70 -26.09
CA ARG B 39 -8.29 3.59 -25.52
C ARG B 39 -6.94 3.43 -26.22
N ASP B 40 -6.90 3.69 -27.52
CA ASP B 40 -5.69 3.46 -28.32
C ASP B 40 -4.57 4.39 -27.89
N LEU B 41 -4.90 5.68 -27.71
CA LEU B 41 -3.88 6.65 -27.38
C LEU B 41 -3.32 6.41 -25.98
N VAL B 42 -4.19 6.04 -25.04
CA VAL B 42 -3.73 5.69 -23.71
C VAL B 42 -2.77 4.51 -23.80
N ASP B 43 -3.13 3.49 -24.57
CA ASP B 43 -2.20 2.41 -24.85
C ASP B 43 -0.90 2.98 -25.41
N ALA B 44 -0.99 3.91 -26.37
CA ALA B 44 0.22 4.52 -26.91
C ALA B 44 1.03 5.22 -25.83
N ALA B 45 0.35 5.91 -24.93
CA ALA B 45 1.05 6.60 -23.84
C ALA B 45 1.78 5.60 -22.95
N VAL B 46 1.11 4.50 -22.57
CA VAL B 46 1.75 3.56 -21.66
C VAL B 46 2.98 2.94 -22.32
N LYS B 47 2.86 2.65 -23.62
CA LYS B 47 3.96 2.01 -24.32
C LYS B 47 5.10 3.00 -24.52
N ALA B 48 4.78 4.26 -24.82
CA ALA B 48 5.81 5.28 -24.88
C ALA B 48 6.52 5.45 -23.52
N GLY B 49 5.81 5.30 -22.40
CA GLY B 49 6.49 5.42 -21.11
C GLY B 49 7.47 4.30 -20.88
N HIS B 50 7.04 3.06 -21.12
CA HIS B 50 7.93 1.92 -20.96
C HIS B 50 9.13 2.05 -21.91
N ARG B 51 8.91 2.58 -23.11
CA ARG B 51 10.03 2.75 -24.03
C ARG B 51 10.98 3.84 -23.52
N ALA B 52 10.43 4.91 -22.94
CA ALA B 52 11.28 5.95 -22.36
C ALA B 52 12.21 5.37 -21.29
N LEU B 53 11.73 4.38 -20.54
CA LEU B 53 12.59 3.78 -19.53
C LEU B 53 13.70 2.94 -20.15
N GLU B 54 13.58 2.60 -21.44
CA GLU B 54 14.67 1.94 -22.15
C GLU B 54 15.64 2.93 -22.76
N GLY B 55 15.39 4.23 -22.62
CA GLY B 55 16.28 5.25 -23.15
C GLY B 55 16.92 6.13 -22.09
N GLU B 56 17.14 7.39 -22.46
CA GLU B 56 17.82 8.37 -21.63
C GLU B 56 17.26 8.42 -20.21
N TRP B 57 15.93 8.48 -20.06
CA TRP B 57 15.34 8.60 -18.72
C TRP B 57 15.72 7.42 -17.84
N GLY B 58 15.75 6.22 -18.43
CA GLY B 58 16.09 5.01 -17.70
C GLY B 58 17.52 4.97 -17.26
N ARG B 59 18.36 5.82 -17.84
CA ARG B 59 19.75 5.89 -17.45
C ARG B 59 20.05 7.10 -16.57
N THR B 60 19.07 7.91 -16.19
CA THR B 60 19.36 9.06 -15.35
C THR B 60 19.83 8.62 -13.96
N THR B 61 20.78 9.35 -13.42
CA THR B 61 21.06 9.22 -12.00
C THR B 61 20.05 10.00 -11.15
N ALA B 62 19.97 9.64 -9.86
CA ALA B 62 19.20 10.44 -8.90
C ALA B 62 19.61 11.91 -8.99
N ALA B 63 20.91 12.17 -9.04
CA ALA B 63 21.34 13.56 -9.09
C ALA B 63 20.82 14.27 -10.33
N GLN B 64 20.83 13.60 -11.48
CA GLN B 64 20.30 14.23 -12.67
C GLN B 64 18.82 14.52 -12.52
N ARG B 65 18.09 13.61 -11.87
CA ARG B 65 16.65 13.85 -11.71
C ARG B 65 16.39 14.99 -10.72
N VAL B 66 17.23 15.10 -9.70
CA VAL B 66 17.16 16.28 -8.83
C VAL B 66 17.19 17.53 -9.69
N ASP B 67 18.17 17.62 -10.59
CA ASP B 67 18.30 18.78 -11.46
C ASP B 67 17.09 18.94 -12.39
N TRP B 68 16.61 17.84 -12.98
CA TRP B 68 15.43 17.94 -13.83
C TRP B 68 14.25 18.52 -13.05
N LEU B 69 14.04 18.03 -11.82
CA LEU B 69 12.90 18.49 -11.03
C LEU B 69 13.02 19.99 -10.77
N ARG B 70 14.24 20.45 -10.52
CA ARG B 70 14.45 21.89 -10.31
C ARG B 70 14.31 22.68 -11.60
N ARG B 71 14.74 22.14 -12.73
CA ARG B 71 14.55 22.84 -14.01
C ARG B 71 13.07 22.96 -14.33
N ILE B 72 12.30 21.90 -14.04
CA ILE B 72 10.85 21.97 -14.19
C ILE B 72 10.27 23.08 -13.32
N ALA B 73 10.63 23.10 -12.04
CA ALA B 73 10.11 24.11 -11.14
C ALA B 73 10.50 25.52 -11.60
N ASN B 74 11.75 25.71 -12.04
CA ASN B 74 12.18 27.03 -12.48
C ASN B 74 11.36 27.49 -13.69
N GLU B 75 11.08 26.57 -14.64
CA GLU B 75 10.29 26.95 -15.80
C GLU B 75 8.84 27.24 -15.42
N MET B 76 8.27 26.45 -14.51
CA MET B 76 6.95 26.79 -13.98
C MET B 76 6.94 28.18 -13.37
N GLU B 77 7.96 28.52 -12.60
CA GLU B 77 7.99 29.83 -11.98
C GLU B 77 8.09 30.93 -13.04
N ARG B 78 8.91 30.73 -14.06
CA ARG B 78 9.02 31.70 -15.14
C ARG B 78 7.67 31.90 -15.83
N ARG B 79 6.85 30.85 -15.91
CA ARG B 79 5.56 30.93 -16.57
C ARG B 79 4.40 30.98 -15.59
N GLN B 80 4.63 31.54 -14.40
CA GLN B 80 3.65 31.38 -13.35
C GLN B 80 2.37 32.18 -13.61
N GLN B 81 2.44 33.29 -14.34
CA GLN B 81 1.20 33.98 -14.69
C GLN B 81 0.34 33.14 -15.63
N ASP B 82 0.99 32.43 -16.56
CA ASP B 82 0.27 31.51 -17.43
C ASP B 82 -0.46 30.45 -16.61
N PHE B 83 0.23 29.83 -15.66
CA PHE B 83 -0.40 28.80 -14.83
C PHE B 83 -1.54 29.42 -14.04
N LEU B 84 -1.27 30.57 -13.42
CA LEU B 84 -2.29 31.26 -12.66
C LEU B 84 -3.55 31.53 -13.51
N ASP B 85 -3.34 32.04 -14.73
CA ASP B 85 -4.46 32.42 -15.60
C ASP B 85 -5.29 31.19 -15.95
N ALA B 86 -4.61 30.11 -16.35
CA ALA B 86 -5.34 28.90 -16.73
C ALA B 86 -6.09 28.32 -15.54
N GLU B 87 -5.44 28.26 -14.38
CA GLU B 87 -6.09 27.68 -13.21
C GLU B 87 -7.32 28.48 -12.81
N MET B 88 -7.21 29.81 -12.85
CA MET B 88 -8.34 30.64 -12.43
C MET B 88 -9.49 30.55 -13.43
N ALA B 89 -9.19 30.44 -14.73
CA ALA B 89 -10.27 30.36 -15.71
C ALA B 89 -11.04 29.06 -15.55
N ASP B 90 -10.31 27.95 -15.34
CA ASP B 90 -10.94 26.64 -15.28
C ASP B 90 -11.82 26.51 -14.04
N THR B 91 -11.39 27.11 -12.93
CA THR B 91 -12.00 26.82 -11.64
C THR B 91 -12.80 27.96 -11.05
N GLY B 92 -12.59 29.21 -11.47
CA GLY B 92 -13.16 30.33 -10.74
C GLY B 92 -12.47 30.66 -9.41
N LYS B 93 -11.31 30.08 -9.17
CA LYS B 93 -10.58 30.36 -7.93
C LYS B 93 -10.32 31.85 -7.82
N PRO B 94 -10.51 32.44 -6.63
CA PRO B 94 -10.04 33.80 -6.42
C PRO B 94 -8.53 33.90 -6.55
N LEU B 95 -8.08 35.05 -7.03
CA LEU B 95 -6.65 35.34 -7.10
C LEU B 95 -5.99 35.10 -5.76
N SER B 96 -6.67 35.50 -4.67
CA SER B 96 -6.13 35.32 -3.33
C SER B 96 -5.83 33.87 -3.01
N MET B 97 -6.54 32.94 -3.63
CA MET B 97 -6.29 31.52 -3.45
C MET B 97 -5.23 31.01 -4.41
N ALA B 98 -5.42 31.26 -5.70
CA ALA B 98 -4.58 30.66 -6.72
C ALA B 98 -3.15 31.18 -6.64
N ALA B 99 -2.98 32.45 -6.30
CA ALA B 99 -1.63 33.03 -6.26
C ALA B 99 -0.91 32.80 -4.96
N THR B 100 -1.59 32.32 -3.93
CA THR B 100 -0.91 32.04 -2.69
C THR B 100 -0.83 30.56 -2.38
N ILE B 101 -1.77 29.76 -2.89
CA ILE B 101 -1.81 28.34 -2.59
C ILE B 101 -1.51 27.53 -3.85
N ASP B 102 -2.41 27.59 -4.84
CA ASP B 102 -2.33 26.61 -5.92
C ASP B 102 -1.01 26.69 -6.67
N ILE B 103 -0.64 27.87 -7.13
CA ILE B 103 0.51 27.93 -8.05
C ILE B 103 1.78 27.79 -7.20
N PRO B 104 1.93 28.51 -6.07
CA PRO B 104 3.18 28.36 -5.30
C PRO B 104 3.39 26.96 -4.74
N ARG B 105 2.36 26.33 -4.15
CA ARG B 105 2.52 24.95 -3.70
C ARG B 105 2.72 23.99 -4.88
N GLY B 106 2.08 24.26 -6.00
CA GLY B 106 2.31 23.40 -7.15
C GLY B 106 3.75 23.40 -7.60
N ILE B 107 4.39 24.56 -7.55
CA ILE B 107 5.81 24.66 -7.92
C ILE B 107 6.67 24.03 -6.83
N ALA B 108 6.32 24.27 -5.57
CA ALA B 108 7.12 23.81 -4.45
C ALA B 108 7.17 22.30 -4.38
N ASN B 109 6.12 21.62 -4.86
CA ASN B 109 6.18 20.16 -4.88
C ASN B 109 7.43 19.68 -5.59
N PHE B 110 7.75 20.28 -6.73
CA PHE B 110 8.93 19.81 -7.46
C PHE B 110 10.21 20.13 -6.70
N ARG B 111 10.30 21.30 -6.08
CA ARG B 111 11.51 21.64 -5.33
C ARG B 111 11.66 20.77 -4.08
N ASN B 112 10.57 20.55 -3.37
CA ASN B 112 10.65 19.74 -2.15
C ASN B 112 11.12 18.31 -2.46
N PHE B 113 10.52 17.67 -3.45
CA PHE B 113 10.94 16.31 -3.77
C PHE B 113 12.32 16.27 -4.39
N ALA B 114 12.76 17.34 -5.05
CA ALA B 114 14.15 17.38 -5.46
C ALA B 114 15.09 17.28 -4.24
N ASP B 115 14.79 18.04 -3.17
CA ASP B 115 15.57 18.00 -1.94
C ASP B 115 15.53 16.62 -1.30
N ILE B 116 14.33 16.04 -1.19
CA ILE B 116 14.19 14.70 -0.59
C ILE B 116 14.98 13.66 -1.35
N LEU B 117 14.91 13.72 -2.68
CA LEU B 117 15.69 12.78 -3.49
C LEU B 117 17.17 13.00 -3.30
N ALA B 118 17.59 14.26 -3.24
CA ALA B 118 19.02 14.53 -3.14
C ALA B 118 19.63 13.92 -1.90
N THR B 119 18.89 13.85 -0.78
CA THR B 119 19.47 13.34 0.44
C THR B 119 18.98 11.95 0.83
N ALA B 120 18.19 11.30 -0.01
CA ALA B 120 17.61 10.02 0.38
C ALA B 120 18.72 9.02 0.68
N PRO B 121 18.68 8.36 1.79
CA PRO B 121 19.75 7.41 2.12
C PRO B 121 19.45 6.03 1.60
N VAL B 122 20.30 5.07 1.90
CA VAL B 122 20.08 3.67 1.54
C VAL B 122 19.70 2.94 2.83
N ASP B 123 18.52 2.32 2.84
CA ASP B 123 18.07 1.47 3.95
C ASP B 123 18.92 0.20 4.00
N SER B 124 19.60 0.00 5.13
CA SER B 124 20.60 -1.07 5.16
C SER B 124 20.76 -1.63 6.57
N HIS B 125 20.97 -2.95 6.63
CA HIS B 125 21.27 -3.66 7.87
C HIS B 125 22.35 -4.69 7.57
N ARG B 126 23.06 -5.06 8.63
CA ARG B 126 24.04 -6.13 8.58
C ARG B 126 23.51 -7.32 9.36
N LEU B 127 23.53 -8.47 8.75
CA LEU B 127 23.08 -9.72 9.36
C LEU B 127 24.30 -10.57 9.72
N ASP B 128 24.49 -10.85 11.02
CA ASP B 128 25.53 -11.79 11.43
C ASP B 128 25.05 -13.22 11.25
N LEU B 129 25.97 -14.06 10.81
CA LEU B 129 25.74 -15.44 10.53
C LEU B 129 26.74 -16.18 11.42
N PRO B 130 26.60 -17.49 11.52
CA PRO B 130 27.60 -18.29 12.24
C PRO B 130 28.92 -18.38 11.48
N ASP B 131 29.95 -18.81 12.19
CA ASP B 131 31.22 -19.15 11.56
C ASP B 131 31.88 -17.90 10.98
N GLY B 132 31.62 -16.76 11.61
CA GLY B 132 32.24 -15.52 11.21
C GLY B 132 31.76 -14.94 9.91
N ALA B 133 30.74 -15.54 9.30
CA ALA B 133 30.18 -14.95 8.08
C ALA B 133 29.18 -13.84 8.42
N TYR B 134 28.84 -13.03 7.43
CA TYR B 134 27.82 -12.02 7.61
C TYR B 134 27.22 -11.70 6.25
N ALA B 135 26.10 -10.98 6.28
CA ALA B 135 25.43 -10.58 5.08
C ALA B 135 25.18 -9.09 5.17
N LEU B 136 25.46 -8.41 4.09
CA LEU B 136 25.08 -7.02 3.97
C LEU B 136 23.77 -6.93 3.20
N ASN B 137 22.79 -6.23 3.78
CA ASN B 137 21.47 -6.01 3.21
C ASN B 137 21.36 -4.54 2.86
N TYR B 138 21.05 -4.22 1.59
CA TYR B 138 20.82 -2.82 1.26
C TYR B 138 19.72 -2.74 0.22
N ALA B 139 18.83 -1.75 0.37
CA ALA B 139 17.64 -1.64 -0.46
C ALA B 139 17.98 -0.78 -1.68
N ALA B 140 17.84 -1.34 -2.86
CA ALA B 140 18.03 -0.58 -4.08
C ALA B 140 16.67 -0.11 -4.57
N ARG B 141 16.57 1.17 -4.90
CA ARG B 141 15.32 1.78 -5.35
C ARG B 141 15.39 1.88 -6.87
N LYS B 142 14.42 1.29 -7.54
CA LYS B 142 14.20 1.39 -8.97
C LYS B 142 12.83 2.01 -9.26
N PRO B 143 12.62 2.58 -10.45
CA PRO B 143 11.26 2.97 -10.84
C PRO B 143 10.32 1.79 -10.82
N LEU B 144 9.04 2.07 -10.55
CA LEU B 144 8.01 1.07 -10.76
C LEU B 144 7.83 0.78 -12.23
N GLY B 145 7.79 1.82 -13.05
CA GLY B 145 7.52 1.69 -14.47
C GLY B 145 6.81 2.94 -14.94
N VAL B 146 5.56 2.77 -15.36
CA VAL B 146 4.71 3.84 -15.84
C VAL B 146 3.63 3.98 -14.79
N VAL B 147 3.55 5.16 -14.18
CA VAL B 147 2.59 5.47 -13.13
C VAL B 147 1.41 6.20 -13.74
N GLY B 148 0.20 5.69 -13.51
CA GLY B 148 -1.01 6.38 -13.95
C GLY B 148 -1.47 7.38 -12.90
N VAL B 149 -1.70 8.62 -13.31
CA VAL B 149 -2.05 9.73 -12.42
C VAL B 149 -3.42 10.26 -12.83
N ILE B 150 -4.39 10.10 -11.95
CA ILE B 150 -5.74 10.59 -12.18
C ILE B 150 -5.96 11.68 -11.15
N SER B 151 -6.13 12.92 -11.63
CA SER B 151 -6.02 14.13 -10.83
C SER B 151 -7.35 14.84 -10.70
N PRO B 152 -7.66 15.43 -9.55
CA PRO B 152 -8.98 16.01 -9.33
C PRO B 152 -9.08 17.45 -9.81
N TRP B 153 -10.31 17.97 -9.77
CA TRP B 153 -10.58 19.33 -10.24
C TRP B 153 -10.45 20.39 -9.14
N ASN B 154 -10.31 20.03 -7.86
CA ASN B 154 -10.43 21.07 -6.82
C ASN B 154 -9.12 21.81 -6.60
N LEU B 155 -8.01 21.12 -6.77
CA LEU B 155 -6.67 21.68 -6.71
C LEU B 155 -5.91 21.11 -7.89
N PRO B 156 -6.26 21.53 -9.12
CA PRO B 156 -5.72 20.84 -10.31
C PRO B 156 -4.20 20.79 -10.35
N LEU B 157 -3.52 21.93 -10.32
CA LEU B 157 -2.06 21.88 -10.43
C LEU B 157 -1.43 21.29 -9.17
N LEU B 158 -1.89 21.71 -8.01
CA LEU B 158 -1.24 21.31 -6.75
C LEU B 158 -1.24 19.80 -6.56
N LEU B 159 -2.41 19.16 -6.69
CA LEU B 159 -2.49 17.70 -6.51
C LEU B 159 -1.90 16.94 -7.69
N LEU B 160 -1.94 17.50 -8.89
CA LEU B 160 -1.19 16.90 -10.00
C LEU B 160 0.30 16.84 -9.68
N THR B 161 0.92 17.98 -9.35
CA THR B 161 2.36 17.92 -9.12
C THR B 161 2.72 17.16 -7.83
N TRP B 162 1.79 17.07 -6.87
CA TRP B 162 2.04 16.27 -5.68
C TRP B 162 2.30 14.80 -6.02
N LYS B 163 1.71 14.29 -7.10
CA LYS B 163 1.96 12.94 -7.61
C LYS B 163 3.08 12.90 -8.63
N VAL B 164 3.10 13.85 -9.58
CA VAL B 164 4.06 13.79 -10.68
C VAL B 164 5.48 14.00 -10.15
N ALA B 165 5.64 14.89 -9.17
CA ALA B 165 7.00 15.20 -8.73
C ALA B 165 7.69 13.98 -8.12
N PRO B 166 7.11 13.29 -7.13
CA PRO B 166 7.79 12.08 -6.64
C PRO B 166 7.84 10.97 -7.68
N ALA B 167 6.83 10.83 -8.54
CA ALA B 167 6.88 9.77 -9.54
C ALA B 167 8.09 9.93 -10.45
N LEU B 168 8.33 11.16 -10.90
CA LEU B 168 9.50 11.45 -11.73
C LEU B 168 10.79 11.37 -10.92
N ALA B 169 10.74 11.80 -9.64
CA ALA B 169 11.94 11.67 -8.79
C ALA B 169 12.44 10.23 -8.76
N CYS B 170 11.51 9.27 -8.70
CA CYS B 170 11.80 7.84 -8.62
C CYS B 170 12.10 7.23 -9.99
N GLY B 171 12.12 8.06 -11.03
CA GLY B 171 12.54 7.61 -12.36
C GLY B 171 11.44 6.97 -13.16
N ASN B 172 10.20 7.10 -12.73
CA ASN B 172 9.09 6.59 -13.53
C ASN B 172 8.82 7.50 -14.73
N ALA B 173 8.11 6.96 -15.71
CA ALA B 173 7.35 7.75 -16.67
C ALA B 173 5.94 7.89 -16.12
N VAL B 174 5.21 8.92 -16.58
CA VAL B 174 3.85 9.08 -16.09
C VAL B 174 2.86 9.20 -17.25
N VAL B 175 1.66 8.70 -17.02
CA VAL B 175 0.50 8.97 -17.86
C VAL B 175 -0.55 9.63 -16.98
N VAL B 176 -0.88 10.87 -17.33
CA VAL B 176 -1.60 11.80 -16.46
C VAL B 176 -2.92 12.13 -17.12
N LYS B 177 -4.01 12.02 -16.36
CA LYS B 177 -5.31 12.46 -16.87
C LYS B 177 -5.90 13.50 -15.93
N PRO B 178 -5.90 14.78 -16.29
CA PRO B 178 -6.49 15.79 -15.40
C PRO B 178 -8.01 15.71 -15.49
N SER B 179 -8.68 16.30 -14.50
CA SER B 179 -10.13 16.36 -14.52
C SER B 179 -10.61 17.02 -15.81
N GLU B 180 -11.71 16.49 -16.37
CA GLU B 180 -12.34 17.11 -17.52
C GLU B 180 -12.65 18.59 -17.26
N ASP B 181 -12.91 18.96 -16.01
CA ASP B 181 -13.21 20.35 -15.74
C ASP B 181 -11.96 21.23 -15.68
N THR B 182 -10.79 20.65 -15.47
CA THR B 182 -9.60 21.45 -15.20
C THR B 182 -8.44 20.94 -16.03
N PRO B 183 -8.52 21.08 -17.36
CA PRO B 183 -7.44 20.58 -18.24
C PRO B 183 -6.24 21.49 -18.37
N GLY B 184 -6.35 22.77 -18.01
CA GLY B 184 -5.38 23.77 -18.39
C GLY B 184 -3.99 23.64 -17.79
N THR B 185 -3.90 23.67 -16.47
CA THR B 185 -2.56 23.66 -15.88
C THR B 185 -1.84 22.36 -16.22
N ALA B 186 -2.58 21.26 -16.41
CA ALA B 186 -1.94 20.01 -16.78
C ALA B 186 -1.35 20.12 -18.17
N THR B 187 -2.07 20.78 -19.07
CA THR B 187 -1.52 20.99 -20.41
C THR B 187 -0.33 21.94 -20.37
N LEU B 188 -0.39 22.99 -19.55
CA LEU B 188 0.80 23.86 -19.42
C LEU B 188 1.96 23.09 -18.80
N LEU B 189 1.68 22.17 -17.90
CA LEU B 189 2.78 21.39 -17.34
C LEU B 189 3.47 20.58 -18.43
N ALA B 190 2.70 19.98 -19.34
CA ALA B 190 3.32 19.29 -20.47
C ALA B 190 4.17 20.23 -21.32
N GLU B 191 3.69 21.45 -21.55
CA GLU B 191 4.51 22.42 -22.28
C GLU B 191 5.82 22.64 -21.54
N VAL B 192 5.78 22.71 -20.22
CA VAL B 192 7.00 22.91 -19.45
C VAL B 192 7.93 21.73 -19.61
N MET B 193 7.38 20.51 -19.50
CA MET B 193 8.22 19.33 -19.66
C MET B 193 8.93 19.37 -21.01
N GLU B 194 8.20 19.74 -22.06
CA GLU B 194 8.80 19.80 -23.38
C GLU B 194 9.84 20.90 -23.45
N ALA B 195 9.58 22.05 -22.80
CA ALA B 195 10.49 23.18 -22.90
C ALA B 195 11.84 22.89 -22.24
N VAL B 196 11.84 22.25 -21.08
CA VAL B 196 13.11 22.00 -20.39
C VAL B 196 13.84 20.80 -20.98
N GLY B 197 13.17 20.01 -21.79
CA GLY B 197 13.81 18.91 -22.47
C GLY B 197 13.61 17.55 -21.84
N ILE B 198 12.59 17.37 -21.02
CA ILE B 198 12.27 16.04 -20.49
C ILE B 198 12.16 15.08 -21.68
N PRO B 199 12.80 13.91 -21.64
CA PRO B 199 12.76 13.04 -22.81
C PRO B 199 11.31 12.66 -23.18
N PRO B 200 11.05 12.51 -24.47
CA PRO B 200 9.67 12.13 -24.86
C PRO B 200 9.31 10.76 -24.30
N GLY B 201 8.04 10.62 -23.95
CA GLY B 201 7.54 9.43 -23.29
C GLY B 201 7.59 9.49 -21.78
N VAL B 202 8.42 10.37 -21.21
CA VAL B 202 8.53 10.46 -19.76
C VAL B 202 7.26 11.05 -19.17
N PHE B 203 6.77 12.15 -19.74
CA PHE B 203 5.55 12.81 -19.28
C PHE B 203 4.51 12.78 -20.39
N ASN B 204 3.41 12.04 -20.16
CA ASN B 204 2.35 11.91 -21.14
C ASN B 204 1.03 12.40 -20.56
N LEU B 205 0.26 13.11 -21.36
CA LEU B 205 -0.98 13.74 -20.94
C LEU B 205 -2.09 13.24 -21.84
N VAL B 206 -3.09 12.59 -21.24
CA VAL B 206 -4.30 12.17 -21.94
C VAL B 206 -5.50 12.84 -21.27
N HIS B 207 -6.39 13.40 -22.09
CA HIS B 207 -7.58 14.06 -21.58
C HIS B 207 -8.82 13.16 -21.66
N GLY B 208 -9.76 13.43 -20.78
CA GLY B 208 -11.10 12.88 -20.93
C GLY B 208 -11.83 12.82 -19.61
N PHE B 209 -12.72 11.83 -19.52
CA PHE B 209 -13.56 11.59 -18.36
C PHE B 209 -13.08 10.35 -17.64
N GLY B 210 -13.91 9.84 -16.74
CA GLY B 210 -13.56 8.67 -15.97
C GLY B 210 -14.10 7.40 -16.60
N PRO B 211 -15.38 7.12 -16.37
CA PRO B 211 -15.99 5.90 -16.93
C PRO B 211 -16.00 5.97 -18.44
N ASN B 212 -15.65 4.84 -19.07
CA ASN B 212 -15.63 4.71 -20.52
C ASN B 212 -14.79 5.79 -21.18
N SER B 213 -13.71 6.20 -20.49
CA SER B 213 -12.78 7.17 -21.07
C SER B 213 -11.40 7.02 -20.41
N ALA B 214 -10.57 8.06 -20.56
CA ALA B 214 -9.14 7.93 -20.33
C ALA B 214 -8.85 7.40 -18.94
N GLY B 215 -9.57 7.88 -17.93
CA GLY B 215 -9.32 7.43 -16.57
C GLY B 215 -9.49 5.93 -16.39
N GLU B 216 -10.62 5.40 -16.86
CA GLU B 216 -10.84 3.96 -16.81
C GLU B 216 -9.78 3.22 -17.60
N PHE B 217 -9.42 3.75 -18.79
CA PHE B 217 -8.40 3.12 -19.61
C PHE B 217 -7.09 2.98 -18.84
N ILE B 218 -6.65 4.08 -18.20
CA ILE B 218 -5.40 4.01 -17.46
C ILE B 218 -5.50 2.96 -16.38
N SER B 219 -6.58 3.00 -15.59
CA SER B 219 -6.70 2.12 -14.42
C SER B 219 -6.76 0.64 -14.80
N GLN B 220 -7.25 0.32 -16.00
CA GLN B 220 -7.41 -1.06 -16.46
C GLN B 220 -6.22 -1.59 -17.26
N HIS B 221 -5.29 -0.73 -17.65
CA HIS B 221 -4.25 -1.15 -18.57
C HIS B 221 -3.33 -2.15 -17.90
N PRO B 222 -3.09 -3.32 -18.51
CA PRO B 222 -2.31 -4.35 -17.79
C PRO B 222 -0.84 -3.97 -17.59
N ASP B 223 -0.34 -2.97 -18.32
CA ASP B 223 1.06 -2.55 -18.27
C ASP B 223 1.28 -1.29 -17.46
N ILE B 224 0.24 -0.72 -16.86
CA ILE B 224 0.44 0.31 -15.86
C ILE B 224 1.13 -0.29 -14.64
N SER B 225 2.02 0.47 -14.02
CA SER B 225 2.85 -0.06 -12.95
C SER B 225 2.34 0.32 -11.58
N ALA B 226 1.52 1.36 -11.51
CA ALA B 226 0.94 1.81 -10.27
C ALA B 226 -0.11 2.84 -10.65
N ILE B 227 -1.06 3.04 -9.75
CA ILE B 227 -2.15 3.99 -9.99
C ILE B 227 -2.26 4.87 -8.76
N THR B 228 -2.17 6.17 -8.97
CA THR B 228 -2.36 7.14 -7.91
C THR B 228 -3.62 7.92 -8.23
N PHE B 229 -4.44 8.15 -7.22
CA PHE B 229 -5.76 8.77 -7.46
C PHE B 229 -6.16 9.59 -6.23
N THR B 230 -6.64 10.80 -6.48
CA THR B 230 -7.26 11.65 -5.47
C THR B 230 -8.66 12.00 -5.93
N GLY B 231 -9.64 11.80 -5.07
CA GLY B 231 -11.00 12.15 -5.42
C GLY B 231 -12.02 11.36 -4.60
N GLU B 232 -13.13 11.07 -5.26
CA GLU B 232 -14.28 10.44 -4.62
C GLU B 232 -13.93 9.02 -4.17
N SER B 233 -14.23 8.71 -2.92
CA SER B 233 -13.88 7.39 -2.38
C SER B 233 -14.52 6.25 -3.17
N LYS B 234 -15.77 6.42 -3.61
CA LYS B 234 -16.42 5.38 -4.42
C LYS B 234 -15.66 5.14 -5.72
N THR B 235 -15.09 6.18 -6.33
CA THR B 235 -14.27 6.01 -7.52
C THR B 235 -12.96 5.29 -7.16
N GLY B 236 -12.41 5.58 -5.98
CA GLY B 236 -11.29 4.80 -5.48
C GLY B 236 -11.60 3.33 -5.43
N SER B 237 -12.80 2.96 -4.93
CA SER B 237 -13.21 1.55 -4.94
C SER B 237 -13.17 0.98 -6.36
N THR B 238 -13.71 1.71 -7.34
CA THR B 238 -13.71 1.24 -8.72
C THR B 238 -12.29 1.04 -9.24
N ILE B 239 -11.42 2.03 -8.98
CA ILE B 239 -10.04 1.94 -9.43
C ILE B 239 -9.34 0.75 -8.77
N MET B 240 -9.59 0.53 -7.50
CA MET B 240 -8.92 -0.57 -6.81
C MET B 240 -9.33 -1.91 -7.38
N ARG B 241 -10.62 -2.07 -7.72
CA ARG B 241 -11.05 -3.30 -8.37
C ARG B 241 -10.34 -3.50 -9.70
N ALA B 242 -10.15 -2.44 -10.48
CA ALA B 242 -9.44 -2.60 -11.76
C ALA B 242 -7.98 -2.93 -11.51
N ALA B 243 -7.38 -2.35 -10.46
CA ALA B 243 -6.00 -2.64 -10.14
C ALA B 243 -5.82 -4.07 -9.65
N ALA B 244 -6.90 -4.69 -9.15
CA ALA B 244 -6.82 -6.04 -8.64
C ALA B 244 -6.35 -7.02 -9.69
N GLU B 245 -6.70 -6.79 -10.97
CA GLU B 245 -6.35 -7.70 -12.05
C GLU B 245 -4.86 -8.02 -12.05
N GLY B 246 -4.01 -7.01 -11.91
CA GLY B 246 -2.57 -7.26 -11.92
C GLY B 246 -1.90 -6.95 -10.61
N VAL B 247 -2.66 -6.97 -9.50
CA VAL B 247 -2.24 -6.57 -8.16
C VAL B 247 -1.37 -5.33 -8.15
N LYS B 248 -1.83 -4.27 -8.85
CA LYS B 248 -1.10 -3.02 -8.98
C LYS B 248 -1.10 -2.25 -7.66
N PRO B 249 0.03 -1.65 -7.29
CA PRO B 249 0.04 -0.76 -6.12
C PRO B 249 -0.86 0.45 -6.34
N VAL B 250 -1.60 0.84 -5.29
CA VAL B 250 -2.52 1.96 -5.38
C VAL B 250 -2.23 2.90 -4.21
N SER B 251 -2.32 4.19 -4.46
CA SER B 251 -2.13 5.22 -3.44
C SER B 251 -3.31 6.17 -3.59
N PHE B 252 -4.15 6.27 -2.55
CA PHE B 252 -5.44 6.95 -2.63
C PHE B 252 -5.54 8.05 -1.58
N GLU B 253 -6.14 9.19 -1.94
CA GLU B 253 -6.57 10.25 -1.02
C GLU B 253 -8.01 10.55 -1.41
N LEU B 254 -8.97 10.31 -0.51
CA LEU B 254 -10.37 10.13 -0.93
C LEU B 254 -11.36 11.01 -0.17
N GLY B 255 -11.09 12.29 0.02
CA GLY B 255 -12.12 13.11 0.66
C GLY B 255 -12.46 12.70 2.10
N GLY B 256 -13.57 13.24 2.62
CA GLY B 256 -13.88 13.03 4.02
C GLY B 256 -15.01 13.91 4.52
N LYS B 257 -15.25 13.85 5.84
CA LYS B 257 -16.28 14.66 6.51
C LYS B 257 -15.60 15.15 7.80
N ASN B 258 -14.78 16.16 7.67
CA ASN B 258 -13.77 16.44 8.67
C ASN B 258 -14.33 17.28 9.80
N ALA B 259 -13.82 17.03 11.02
CA ALA B 259 -14.25 17.74 12.21
C ALA B 259 -13.29 18.85 12.62
N ALA B 260 -13.87 19.95 13.05
CA ALA B 260 -13.20 21.00 13.78
C ALA B 260 -13.67 20.98 15.22
N VAL B 261 -12.73 21.08 16.16
CA VAL B 261 -13.01 21.04 17.59
C VAL B 261 -12.47 22.32 18.22
N ILE B 262 -13.38 23.16 18.75
CA ILE B 262 -13.05 24.48 19.25
C ILE B 262 -13.37 24.53 20.74
N PHE B 263 -12.33 24.61 21.56
CA PHE B 263 -12.45 24.71 23.00
C PHE B 263 -12.57 26.17 23.45
N ALA B 264 -13.20 26.33 24.60
CA ALA B 264 -13.45 27.66 25.13
C ALA B 264 -12.16 28.42 25.44
N ASP B 265 -11.06 27.72 25.72
CA ASP B 265 -9.81 28.41 26.03
C ASP B 265 -9.00 28.75 24.78
N CYS B 266 -9.59 28.64 23.59
CA CYS B 266 -8.83 28.95 22.38
C CYS B 266 -8.52 30.44 22.31
N ASP B 267 -7.50 30.77 21.50
CA ASP B 267 -7.30 32.14 21.08
C ASP B 267 -8.39 32.46 20.06
N PHE B 268 -9.41 33.19 20.51
CA PHE B 268 -10.66 33.26 19.74
C PHE B 268 -10.45 33.94 18.39
N GLU B 269 -9.68 35.02 18.38
CA GLU B 269 -9.49 35.75 17.12
C GLU B 269 -8.68 34.92 16.13
N LYS B 270 -7.64 34.21 16.58
CA LYS B 270 -6.89 33.38 15.64
C LYS B 270 -7.76 32.24 15.12
N MET B 271 -8.57 31.67 16.00
CA MET B 271 -9.47 30.58 15.65
C MET B 271 -10.45 31.01 14.59
N LEU B 272 -11.04 32.19 14.75
CA LEU B 272 -11.99 32.64 13.75
C LEU B 272 -11.32 32.81 12.39
N ASP B 273 -10.13 33.42 12.39
CA ASP B 273 -9.40 33.56 11.13
C ASP B 273 -9.16 32.21 10.48
N GLY B 274 -8.70 31.24 11.29
CA GLY B 274 -8.40 29.92 10.78
C GLY B 274 -9.62 29.15 10.34
N MET B 275 -10.70 29.23 11.11
CA MET B 275 -11.92 28.52 10.77
C MET B 275 -12.60 29.09 9.54
N MET B 276 -12.52 30.41 9.31
CA MET B 276 -13.06 30.92 8.05
C MET B 276 -12.38 30.29 6.87
N ARG B 277 -11.08 29.98 6.98
CA ARG B 277 -10.43 29.28 5.88
C ARG B 277 -10.83 27.80 5.82
N ALA B 278 -10.80 27.13 6.98
CA ALA B 278 -11.14 25.71 7.04
C ALA B 278 -12.54 25.44 6.51
N LEU B 279 -13.43 26.43 6.63
CA LEU B 279 -14.79 26.29 6.14
C LEU B 279 -14.94 26.70 4.67
N PHE B 280 -14.32 27.81 4.23
CA PHE B 280 -14.74 28.45 2.98
C PHE B 280 -13.61 28.68 1.99
N LEU B 281 -12.36 28.37 2.35
CA LEU B 281 -11.31 28.45 1.35
C LEU B 281 -11.65 27.58 0.14
N ASN B 282 -11.41 28.09 -1.06
CA ASN B 282 -11.74 27.33 -2.28
C ASN B 282 -13.22 26.98 -2.32
N SER B 283 -14.03 27.86 -1.73
CA SER B 283 -15.48 27.64 -1.62
C SER B 283 -15.81 26.31 -0.97
N GLY B 284 -14.97 25.92 0.00
CA GLY B 284 -15.23 24.70 0.71
C GLY B 284 -14.92 23.42 -0.05
N GLN B 285 -14.22 23.53 -1.19
CA GLN B 285 -13.90 22.42 -2.06
C GLN B 285 -12.47 21.92 -1.84
N VAL B 286 -11.97 21.99 -0.63
CA VAL B 286 -10.73 21.33 -0.27
C VAL B 286 -11.14 20.06 0.44
N CYS B 287 -10.53 18.94 0.06
CA CYS B 287 -10.79 17.68 0.75
C CYS B 287 -10.59 17.80 2.24
N LEU B 288 -9.78 18.77 2.68
CA LEU B 288 -9.41 18.93 4.08
C LEU B 288 -10.32 19.91 4.84
N CYS B 289 -11.23 20.58 4.16
CA CYS B 289 -12.12 21.51 4.85
C CYS B 289 -12.96 20.82 5.92
N SER B 290 -13.33 21.59 6.93
CA SER B 290 -14.26 21.16 7.96
C SER B 290 -15.70 21.29 7.51
N GLU B 291 -16.51 20.25 7.74
CA GLU B 291 -17.96 20.33 7.59
C GLU B 291 -18.73 19.98 8.85
N ARG B 292 -18.05 19.51 9.91
CA ARG B 292 -18.65 19.26 11.21
C ARG B 292 -17.84 20.10 12.18
N VAL B 293 -18.49 21.01 12.88
CA VAL B 293 -17.81 21.90 13.82
C VAL B 293 -18.40 21.72 15.21
N TYR B 294 -17.55 21.32 16.16
CA TYR B 294 -17.92 21.13 17.56
C TYR B 294 -17.34 22.28 18.38
N VAL B 295 -18.21 23.04 19.06
CA VAL B 295 -17.78 24.21 19.84
C VAL B 295 -18.16 23.98 21.29
N GLU B 296 -17.18 24.13 22.18
CA GLU B 296 -17.46 23.93 23.60
C GLU B 296 -18.56 24.90 24.06
N ARG B 297 -19.51 24.36 24.80
CA ARG B 297 -20.77 25.06 25.10
C ARG B 297 -20.58 26.50 25.56
N PRO B 298 -19.66 26.82 26.47
CA PRO B 298 -19.58 28.21 26.96
C PRO B 298 -19.23 29.24 25.91
N ILE B 299 -18.65 28.87 24.76
CA ILE B 299 -18.41 29.84 23.70
C ILE B 299 -19.28 29.59 22.47
N PHE B 300 -20.24 28.66 22.54
CA PHE B 300 -21.00 28.31 21.34
C PHE B 300 -21.76 29.52 20.78
N ASP B 301 -22.44 30.26 21.64
CA ASP B 301 -23.20 31.41 21.16
C ASP B 301 -22.28 32.49 20.61
N ARG B 302 -21.21 32.82 21.34
CA ARG B 302 -20.27 33.80 20.84
C ARG B 302 -19.72 33.36 19.49
N PHE B 303 -19.41 32.09 19.35
CA PHE B 303 -18.90 31.58 18.09
C PHE B 303 -19.88 31.81 16.95
N CYS B 304 -21.14 31.41 17.16
CA CYS B 304 -22.14 31.55 16.11
C CYS B 304 -22.36 33.01 15.74
N VAL B 305 -22.40 33.89 16.72
CA VAL B 305 -22.63 35.30 16.43
C VAL B 305 -21.47 35.87 15.64
N ALA B 306 -20.25 35.63 16.11
CA ALA B 306 -19.09 36.21 15.45
C ALA B 306 -18.90 35.60 14.08
N LEU B 307 -19.08 34.29 13.96
CA LEU B 307 -18.90 33.65 12.66
C LEU B 307 -19.92 34.16 11.65
N ALA B 308 -21.16 34.37 12.06
CA ALA B 308 -22.14 34.91 11.13
C ALA B 308 -21.75 36.30 10.62
N GLU B 309 -21.21 37.16 11.49
CA GLU B 309 -20.74 38.45 11.01
C GLU B 309 -19.54 38.29 10.07
N ARG B 310 -18.59 37.41 10.43
CA ARG B 310 -17.43 37.24 9.56
C ARG B 310 -17.85 36.77 8.17
N ILE B 311 -18.84 35.90 8.10
CA ILE B 311 -19.33 35.43 6.81
C ILE B 311 -19.92 36.60 6.03
N LYS B 312 -20.66 37.49 6.71
CA LYS B 312 -21.21 38.65 6.03
C LYS B 312 -20.10 39.45 5.38
N ALA B 313 -18.95 39.54 6.03
CA ALA B 313 -17.84 40.30 5.45
C ALA B 313 -17.04 39.54 4.41
N LEU B 314 -17.33 38.26 4.18
CA LEU B 314 -16.54 37.48 3.24
C LEU B 314 -16.87 37.92 1.81
N LYS B 315 -15.85 38.35 1.07
CA LYS B 315 -16.10 38.93 -0.24
C LYS B 315 -16.28 37.80 -1.26
N VAL B 316 -17.53 37.61 -1.68
CA VAL B 316 -17.90 36.66 -2.74
C VAL B 316 -18.14 37.49 -4.00
N ASP B 317 -17.16 37.53 -4.90
CA ASP B 317 -17.23 38.52 -5.98
C ASP B 317 -16.31 38.07 -7.10
N TRP B 318 -16.10 38.97 -8.07
CA TRP B 318 -15.18 38.75 -9.17
C TRP B 318 -13.89 38.10 -8.71
N PRO B 319 -13.53 36.91 -9.21
CA PRO B 319 -12.32 36.24 -8.70
C PRO B 319 -11.03 36.95 -9.03
N HIS B 320 -11.00 37.75 -10.08
CA HIS B 320 -9.76 38.43 -10.43
C HIS B 320 -9.46 39.62 -9.54
N GLU B 321 -10.40 40.08 -8.71
CA GLU B 321 -10.14 41.19 -7.81
C GLU B 321 -9.33 40.74 -6.61
N THR B 322 -8.34 41.54 -6.23
CA THR B 322 -7.32 41.06 -5.31
C THR B 322 -7.88 40.78 -3.93
N ASP B 323 -9.03 41.35 -3.56
CA ASP B 323 -9.54 41.05 -2.23
C ASP B 323 -10.77 40.14 -2.23
N THR B 324 -11.18 39.63 -3.38
CA THR B 324 -12.17 38.56 -3.37
C THR B 324 -11.65 37.37 -2.58
N GLN B 325 -12.51 36.80 -1.74
CA GLN B 325 -12.14 35.68 -0.90
C GLN B 325 -12.86 34.39 -1.27
N MET B 326 -13.93 34.47 -2.06
CA MET B 326 -14.64 33.26 -2.45
C MET B 326 -15.18 33.43 -3.86
N GLY B 327 -14.91 32.43 -4.70
CA GLY B 327 -15.44 32.38 -6.04
C GLY B 327 -16.61 31.41 -6.15
N PRO B 328 -16.98 31.06 -7.38
CA PRO B 328 -18.04 30.07 -7.59
C PRO B 328 -17.55 28.68 -7.18
N LEU B 329 -18.46 27.71 -7.21
CA LEU B 329 -18.10 26.31 -7.19
C LEU B 329 -17.52 25.89 -8.54
N ILE B 330 -17.11 24.63 -8.67
CA ILE B 330 -16.37 24.23 -9.87
C ILE B 330 -17.25 24.17 -11.11
N SER B 331 -18.51 23.76 -10.97
CA SER B 331 -19.36 23.55 -12.12
C SER B 331 -20.84 23.63 -11.74
N SER B 332 -21.67 23.81 -12.77
CA SER B 332 -23.12 23.78 -12.56
C SER B 332 -23.56 22.46 -11.93
N LYS B 333 -22.97 21.35 -12.37
CA LYS B 333 -23.32 20.05 -11.81
C LYS B 333 -22.94 19.98 -10.34
N HIS B 334 -21.75 20.44 -9.96
CA HIS B 334 -21.45 20.39 -8.53
C HIS B 334 -22.34 21.34 -7.75
N ARG B 335 -22.60 22.53 -8.31
CA ARG B 335 -23.52 23.47 -7.68
C ARG B 335 -24.87 22.83 -7.43
N ASP B 336 -25.42 22.17 -8.45
CA ASP B 336 -26.65 21.42 -8.24
C ASP B 336 -26.53 20.45 -7.06
N LYS B 337 -25.43 19.70 -6.99
CA LYS B 337 -25.31 18.75 -5.88
C LYS B 337 -25.25 19.47 -4.53
N VAL B 338 -24.47 20.53 -4.41
CA VAL B 338 -24.41 21.26 -3.14
C VAL B 338 -25.78 21.85 -2.80
N LEU B 339 -26.46 22.44 -3.77
CA LEU B 339 -27.78 22.99 -3.45
C LEU B 339 -28.76 21.90 -3.05
N SER B 340 -28.67 20.71 -3.64
CA SER B 340 -29.51 19.60 -3.20
C SER B 340 -29.26 19.30 -1.72
N TYR B 341 -28.01 19.44 -1.27
CA TYR B 341 -27.73 19.20 0.14
C TYR B 341 -28.24 20.34 1.00
N PHE B 342 -28.18 21.58 0.52
CA PHE B 342 -28.87 22.66 1.22
C PHE B 342 -30.34 22.32 1.40
N GLU B 343 -30.97 21.74 0.39
CA GLU B 343 -32.39 21.39 0.48
C GLU B 343 -32.61 20.23 1.45
N LEU B 344 -31.76 19.20 1.38
CA LEU B 344 -31.84 18.13 2.36
C LEU B 344 -31.72 18.69 3.77
N ALA B 345 -30.84 19.67 3.97
CA ALA B 345 -30.71 20.28 5.30
C ALA B 345 -32.03 20.90 5.74
N ARG B 346 -32.64 21.69 4.85
CA ARG B 346 -33.95 22.24 5.15
C ARG B 346 -34.93 21.14 5.57
N GLN B 347 -35.04 20.10 4.75
CA GLN B 347 -35.98 19.02 5.03
C GLN B 347 -35.67 18.33 6.35
N GLU B 348 -34.37 18.17 6.67
CA GLU B 348 -34.01 17.53 7.93
C GLU B 348 -34.29 18.43 9.13
N GLY B 349 -34.74 19.66 8.93
CA GLY B 349 -35.06 20.59 10.00
C GLY B 349 -33.97 21.59 10.41
N ALA B 350 -32.94 21.77 9.60
CA ALA B 350 -31.80 22.58 10.04
C ALA B 350 -32.14 24.05 10.19
N THR B 351 -31.49 24.69 11.16
CA THR B 351 -31.49 26.13 11.27
C THR B 351 -30.34 26.69 10.44
N PHE B 352 -30.63 27.66 9.60
CA PHE B 352 -29.62 28.31 8.78
C PHE B 352 -29.15 29.56 9.49
N LEU B 353 -27.88 29.55 9.96
CA LEU B 353 -27.26 30.73 10.57
C LEU B 353 -26.67 31.67 9.56
N ALA B 354 -26.36 31.19 8.37
CA ALA B 354 -25.85 32.04 7.31
C ALA B 354 -26.07 31.32 5.99
N GLY B 355 -26.31 32.10 4.96
CA GLY B 355 -26.32 31.59 3.62
C GLY B 355 -27.47 30.66 3.39
N GLY B 356 -27.22 29.61 2.61
CA GLY B 356 -28.26 28.68 2.22
C GLY B 356 -28.82 28.90 0.83
N GLY B 357 -28.37 29.92 0.10
CA GLY B 357 -28.88 30.20 -1.22
C GLY B 357 -27.77 30.51 -2.20
N VAL B 358 -28.08 31.37 -3.15
CA VAL B 358 -27.21 31.66 -4.28
C VAL B 358 -27.07 33.18 -4.34
N PRO B 359 -25.87 33.73 -4.48
CA PRO B 359 -25.77 35.18 -4.71
C PRO B 359 -26.38 35.55 -6.05
N ARG B 360 -26.99 36.73 -6.09
CA ARG B 360 -27.46 37.33 -7.34
C ARG B 360 -26.60 38.56 -7.65
N PHE B 361 -25.94 38.53 -8.78
CA PHE B 361 -25.07 39.63 -9.17
C PHE B 361 -25.71 40.59 -10.16
N GLY B 362 -26.71 40.14 -10.92
CA GLY B 362 -27.32 40.98 -11.93
C GLY B 362 -26.55 41.07 -13.22
N ASP B 363 -25.67 40.11 -13.50
CA ASP B 363 -24.91 40.13 -14.74
C ASP B 363 -24.67 38.68 -15.16
N GLU B 364 -23.71 38.49 -16.08
CA GLU B 364 -23.42 37.18 -16.65
C GLU B 364 -23.00 36.17 -15.57
N ARG B 365 -22.50 36.65 -14.43
CA ARG B 365 -22.10 35.74 -13.37
C ARG B 365 -23.25 34.87 -12.92
N ASP B 366 -24.49 35.29 -13.19
CA ASP B 366 -25.63 34.49 -12.75
C ASP B 366 -25.81 33.24 -13.59
N ASN B 367 -25.17 33.13 -14.75
CA ASN B 367 -25.11 31.86 -15.47
C ASN B 367 -23.94 31.01 -15.01
N GLY B 368 -23.15 31.50 -14.07
CA GLY B 368 -22.09 30.71 -13.47
C GLY B 368 -22.63 29.85 -12.35
N ALA B 369 -21.70 29.23 -11.61
CA ALA B 369 -22.09 28.21 -10.64
C ALA B 369 -21.84 28.65 -9.21
N TRP B 370 -22.47 29.75 -8.80
CA TRP B 370 -22.18 30.32 -7.50
C TRP B 370 -23.10 29.77 -6.40
N VAL B 371 -22.60 29.80 -5.16
CA VAL B 371 -23.38 29.47 -3.98
C VAL B 371 -22.88 30.29 -2.79
N GLU B 372 -23.76 30.53 -1.82
CA GLU B 372 -23.41 31.31 -0.63
C GLU B 372 -22.66 30.47 0.41
N PRO B 373 -21.69 31.05 1.09
CA PRO B 373 -21.12 30.40 2.28
C PRO B 373 -22.20 30.21 3.33
N THR B 374 -22.29 29.00 3.87
CA THR B 374 -23.49 28.56 4.59
C THR B 374 -23.08 27.90 5.90
N VAL B 375 -23.86 28.15 6.94
CA VAL B 375 -23.67 27.48 8.22
C VAL B 375 -25.03 27.01 8.69
N ILE B 376 -25.14 25.74 9.08
CA ILE B 376 -26.38 25.22 9.64
C ILE B 376 -26.14 24.74 11.07
N ALA B 377 -27.25 24.55 11.78
CA ALA B 377 -27.24 24.15 13.18
C ALA B 377 -28.54 23.44 13.51
N GLY B 378 -28.58 22.83 14.67
CA GLY B 378 -29.81 22.27 15.18
C GLY B 378 -29.99 20.78 14.96
N LEU B 379 -29.10 20.11 14.24
CA LEU B 379 -29.36 18.73 13.89
C LEU B 379 -28.60 17.77 14.79
N SER B 380 -29.02 16.52 14.76
CA SER B 380 -28.34 15.47 15.50
C SER B 380 -27.09 15.04 14.74
N ASP B 381 -26.22 14.32 15.43
CA ASP B 381 -25.03 13.78 14.77
C ASP B 381 -25.38 12.76 13.70
N ASP B 382 -26.64 12.33 13.63
CA ASP B 382 -27.03 11.27 12.70
C ASP B 382 -27.66 11.80 11.42
N ALA B 383 -28.04 13.07 11.36
CA ALA B 383 -28.68 13.60 10.16
C ALA B 383 -27.75 13.44 8.97
N ARG B 384 -28.36 13.32 7.79
CA ARG B 384 -27.57 12.98 6.60
C ARG B 384 -26.59 14.09 6.24
N VAL B 385 -27.04 15.34 6.28
CA VAL B 385 -26.17 16.46 5.95
C VAL B 385 -25.06 16.66 6.97
N VAL B 386 -25.16 16.04 8.14
CA VAL B 386 -24.09 16.12 9.12
C VAL B 386 -23.05 15.04 8.87
N ARG B 387 -23.44 13.93 8.22
CA ARG B 387 -22.53 12.81 8.05
C ARG B 387 -21.96 12.69 6.64
N GLU B 388 -22.71 13.11 5.63
CA GLU B 388 -22.36 12.89 4.22
C GLU B 388 -21.54 14.05 3.68
N GLU B 389 -20.47 13.73 2.95
CA GLU B 389 -19.57 14.74 2.43
C GLU B 389 -20.32 15.61 1.45
N ILE B 390 -20.32 16.93 1.66
CA ILE B 390 -21.00 17.82 0.74
C ILE B 390 -20.04 18.44 -0.25
N PHE B 391 -18.86 18.82 0.23
CA PHE B 391 -17.77 19.33 -0.61
C PHE B 391 -18.13 20.70 -1.15
N GLY B 392 -18.77 21.50 -0.31
CA GLY B 392 -19.11 22.87 -0.64
C GLY B 392 -18.85 23.74 0.57
N PRO B 393 -19.24 25.02 0.49
CA PRO B 393 -18.91 26.00 1.54
C PRO B 393 -19.94 25.95 2.66
N ILE B 394 -19.87 24.91 3.50
CA ILE B 394 -20.92 24.68 4.50
C ILE B 394 -20.36 23.87 5.66
N CYS B 395 -20.90 24.11 6.84
CA CYS B 395 -20.68 23.20 7.95
C CYS B 395 -21.95 23.14 8.76
N HIS B 396 -22.03 22.13 9.62
CA HIS B 396 -22.98 22.05 10.72
C HIS B 396 -22.24 22.32 12.03
N VAL B 397 -22.74 23.25 12.84
CA VAL B 397 -22.10 23.58 14.10
C VAL B 397 -22.99 23.10 15.26
N THR B 398 -22.35 22.51 16.28
CA THR B 398 -23.06 21.90 17.41
C THR B 398 -22.24 22.12 18.67
N PRO B 399 -22.88 22.30 19.82
CA PRO B 399 -22.12 22.39 21.07
C PRO B 399 -21.69 21.04 21.60
N PHE B 400 -20.62 21.06 22.39
CA PHE B 400 -20.19 19.90 23.18
C PHE B 400 -19.81 20.36 24.58
N ASP B 401 -19.77 19.38 25.51
CA ASP B 401 -19.47 19.68 26.90
C ASP B 401 -18.18 19.08 27.41
N SER B 402 -17.76 17.92 26.93
CA SER B 402 -16.57 17.32 27.48
C SER B 402 -15.62 16.81 26.39
N GLU B 403 -14.37 16.71 26.81
CA GLU B 403 -13.30 16.23 25.94
C GLU B 403 -13.54 14.79 25.49
N SER B 404 -13.90 13.90 26.41
CA SER B 404 -14.20 12.53 26.02
C SER B 404 -15.34 12.48 25.02
N GLU B 405 -16.38 13.27 25.28
CA GLU B 405 -17.52 13.36 24.38
C GLU B 405 -17.09 13.81 23.00
N VAL B 406 -16.27 14.85 22.92
CA VAL B 406 -16.06 15.43 21.60
C VAL B 406 -15.10 14.55 20.78
N ILE B 407 -14.18 13.83 21.44
CA ILE B 407 -13.35 12.87 20.70
C ILE B 407 -14.23 11.80 20.06
N ARG B 408 -15.15 11.25 20.84
N ARG B 408 -15.15 11.24 20.84
CA ARG B 408 -16.03 10.20 20.31
CA ARG B 408 -16.06 10.21 20.35
C ARG B 408 -16.84 10.74 19.13
C ARG B 408 -16.87 10.72 19.16
N ARG B 409 -17.41 11.93 19.28
CA ARG B 409 -18.23 12.47 18.20
C ARG B 409 -17.40 12.85 16.99
N ALA B 410 -16.21 13.39 17.20
CA ALA B 410 -15.35 13.74 16.07
C ALA B 410 -14.99 12.50 15.26
N ASN B 411 -14.71 11.39 15.95
CA ASN B 411 -14.29 10.14 15.33
C ASN B 411 -15.44 9.29 14.83
N ASP B 412 -16.67 9.70 15.09
CA ASP B 412 -17.87 8.96 14.69
C ASP B 412 -18.15 9.26 13.23
N THR B 413 -17.38 8.60 12.36
CA THR B 413 -17.54 8.70 10.92
C THR B 413 -16.76 7.54 10.33
N ARG B 414 -17.12 7.17 9.11
CA ARG B 414 -16.36 6.12 8.42
C ARG B 414 -15.17 6.67 7.62
N TYR B 415 -15.15 7.97 7.44
CA TYR B 415 -14.01 8.68 6.90
C TYR B 415 -12.89 8.84 7.93
N GLY B 416 -11.86 9.59 7.54
CA GLY B 416 -10.82 10.02 8.45
C GLY B 416 -9.66 10.66 7.75
N LEU B 417 -9.97 11.81 7.14
CA LEU B 417 -8.95 12.52 6.42
C LEU B 417 -8.20 13.50 7.33
N ALA B 418 -8.91 14.47 7.92
CA ALA B 418 -8.29 15.56 8.66
C ALA B 418 -9.15 16.03 9.83
N ALA B 419 -8.47 16.74 10.76
CA ALA B 419 -9.12 17.43 11.86
C ALA B 419 -8.36 18.72 12.18
N THR B 420 -9.08 19.68 12.77
CA THR B 420 -8.47 20.92 13.24
C THR B 420 -9.00 21.24 14.63
N ILE B 421 -8.09 21.39 15.59
CA ILE B 421 -8.36 21.55 17.01
C ILE B 421 -7.83 22.91 17.47
N TRP B 422 -8.63 23.63 18.25
CA TRP B 422 -8.28 24.98 18.72
C TRP B 422 -8.37 24.98 20.25
N THR B 423 -7.22 25.15 20.91
CA THR B 423 -7.09 25.25 22.36
C THR B 423 -5.74 25.84 22.67
N THR B 424 -5.65 26.54 23.80
CA THR B 424 -4.35 26.99 24.30
C THR B 424 -3.83 26.11 25.43
N ASN B 425 -4.53 25.02 25.74
CA ASN B 425 -4.13 24.13 26.82
C ASN B 425 -3.14 23.09 26.30
N LEU B 426 -1.95 23.07 26.91
CA LEU B 426 -0.86 22.24 26.43
C LEU B 426 -1.26 20.77 26.35
N SER B 427 -1.65 20.19 27.50
CA SER B 427 -1.89 18.75 27.52
C SER B 427 -3.08 18.38 26.66
N ARG B 428 -4.11 19.22 26.68
CA ARG B 428 -5.29 18.91 25.90
C ARG B 428 -5.00 18.92 24.40
N ALA B 429 -4.20 19.88 23.94
CA ALA B 429 -3.86 19.96 22.53
C ALA B 429 -3.28 18.64 22.03
N HIS B 430 -2.27 18.13 22.75
CA HIS B 430 -1.58 16.93 22.34
C HIS B 430 -2.46 15.71 22.53
N ARG B 431 -3.19 15.63 23.65
CA ARG B 431 -4.08 14.49 23.90
C ARG B 431 -5.15 14.35 22.83
N VAL B 432 -5.87 15.44 22.56
CA VAL B 432 -7.01 15.37 21.65
C VAL B 432 -6.56 15.17 20.20
N SER B 433 -5.55 15.94 19.77
CA SER B 433 -5.15 15.87 18.36
C SER B 433 -4.67 14.46 18.00
N GLU B 434 -3.96 13.80 18.91
CA GLU B 434 -3.42 12.47 18.60
C GLU B 434 -4.51 11.40 18.55
N LEU B 435 -5.62 11.59 19.25
CA LEU B 435 -6.70 10.62 19.26
C LEU B 435 -7.64 10.79 18.10
N MET B 436 -7.51 11.85 17.31
CA MET B 436 -8.31 12.02 16.11
C MET B 436 -7.96 10.89 15.14
N ARG B 437 -8.95 10.20 14.60
CA ARG B 437 -8.68 9.06 13.70
C ARG B 437 -8.57 9.60 12.28
N VAL B 438 -7.46 10.26 12.00
CA VAL B 438 -7.31 11.01 10.76
C VAL B 438 -5.86 10.90 10.31
N GLY B 439 -5.60 11.28 9.07
CA GLY B 439 -4.23 11.33 8.59
C GLY B 439 -3.49 12.58 9.02
N ILE B 440 -4.20 13.70 9.17
CA ILE B 440 -3.53 14.94 9.56
C ILE B 440 -4.41 15.68 10.57
N SER B 441 -3.84 15.98 11.73
CA SER B 441 -4.55 16.54 12.86
C SER B 441 -3.84 17.84 13.22
N TRP B 442 -4.44 18.97 12.86
CA TRP B 442 -3.85 20.29 13.05
C TRP B 442 -4.27 20.86 14.39
N VAL B 443 -3.35 21.57 15.04
CA VAL B 443 -3.65 22.27 16.26
C VAL B 443 -3.36 23.77 16.09
N ASN B 444 -4.39 24.60 16.27
CA ASN B 444 -4.31 26.06 16.16
C ASN B 444 -3.85 26.49 14.78
N THR B 445 -4.22 25.72 13.75
CA THR B 445 -4.00 26.06 12.35
C THR B 445 -4.86 25.09 11.54
N TRP B 446 -4.77 25.21 10.23
CA TRP B 446 -5.52 24.37 9.30
C TRP B 446 -4.80 24.48 7.94
N PHE B 447 -4.63 23.34 7.26
CA PHE B 447 -4.08 23.30 5.90
C PHE B 447 -2.64 23.83 5.84
N LEU B 448 -1.84 23.49 6.85
CA LEU B 448 -0.38 23.68 6.81
C LEU B 448 0.28 22.36 6.42
N ARG B 449 0.97 22.33 5.27
CA ARG B 449 1.35 21.06 4.64
C ARG B 449 2.88 20.97 4.55
N ASP B 450 3.49 20.22 5.46
CA ASP B 450 4.92 19.96 5.44
C ASP B 450 5.18 18.78 4.51
N LEU B 451 5.74 19.05 3.35
CA LEU B 451 5.81 18.03 2.30
C LEU B 451 6.75 16.89 2.61
N ARG B 452 7.46 16.97 3.75
CA ARG B 452 8.36 15.91 4.21
C ARG B 452 7.67 14.91 5.13
N THR B 453 6.42 15.19 5.52
CA THR B 453 5.74 14.43 6.54
C THR B 453 4.70 13.52 5.93
N PRO B 454 4.28 12.46 6.64
CA PRO B 454 3.34 11.49 6.06
C PRO B 454 1.94 12.07 6.01
N PHE B 455 1.28 11.91 4.87
CA PHE B 455 -0.03 12.48 4.59
C PHE B 455 -0.88 11.48 3.85
N GLY B 456 -2.14 11.41 4.24
CA GLY B 456 -3.03 10.41 3.69
C GLY B 456 -4.28 10.38 4.55
N GLY B 457 -5.15 9.43 4.25
CA GLY B 457 -6.42 9.31 4.97
C GLY B 457 -6.64 7.92 5.54
N ALA B 458 -7.37 7.88 6.66
CA ALA B 458 -7.80 6.65 7.30
C ALA B 458 -9.18 6.24 6.80
N GLY B 459 -9.46 4.94 6.92
CA GLY B 459 -10.80 4.45 6.59
C GLY B 459 -11.13 4.69 5.13
N LEU B 460 -12.35 5.19 4.88
CA LEU B 460 -12.77 5.52 3.52
C LEU B 460 -11.97 6.68 2.92
N SER B 461 -11.17 7.40 3.71
CA SER B 461 -10.47 8.57 3.19
C SER B 461 -9.14 8.23 2.48
N GLY B 462 -8.72 6.98 2.42
CA GLY B 462 -7.54 6.71 1.62
C GLY B 462 -6.96 5.34 1.90
N ILE B 463 -5.82 5.14 1.28
CA ILE B 463 -4.95 3.99 1.46
C ILE B 463 -3.54 4.52 1.30
N GLY B 464 -2.70 4.23 2.27
CA GLY B 464 -1.27 4.55 2.20
C GLY B 464 -0.97 5.97 2.66
N ARG B 465 0.33 6.26 2.71
CA ARG B 465 0.83 7.60 3.01
C ARG B 465 1.80 8.04 1.92
N GLU B 466 1.85 9.36 1.73
CA GLU B 466 2.78 10.06 0.87
C GLU B 466 3.35 11.23 1.66
N GLY B 467 4.36 11.84 1.10
CA GLY B 467 5.09 12.90 1.76
C GLY B 467 6.43 12.30 2.11
N GLY B 468 7.48 13.09 1.87
CA GLY B 468 8.81 12.66 2.24
C GLY B 468 9.12 11.34 1.61
N MET B 469 9.82 10.51 2.38
CA MET B 469 10.18 9.18 1.90
C MET B 469 9.00 8.25 1.75
N HIS B 470 7.86 8.54 2.36
CA HIS B 470 6.69 7.72 2.11
C HIS B 470 6.31 7.80 0.64
N SER B 471 6.41 8.98 0.05
CA SER B 471 6.20 9.10 -1.41
C SER B 471 7.26 8.35 -2.18
N LEU B 472 8.53 8.52 -1.82
CA LEU B 472 9.61 7.92 -2.61
C LEU B 472 9.56 6.40 -2.53
N ASN B 473 9.08 5.86 -1.42
CA ASN B 473 8.96 4.42 -1.33
C ASN B 473 7.72 3.93 -2.05
N PHE B 474 6.68 4.77 -2.15
CA PHE B 474 5.55 4.23 -2.87
C PHE B 474 5.81 4.14 -4.37
N TYR B 475 6.39 5.19 -4.97
CA TYR B 475 6.62 5.27 -6.41
C TYR B 475 7.90 4.54 -6.87
N SER B 476 8.51 3.78 -5.98
CA SER B 476 9.72 3.02 -6.22
C SER B 476 9.41 1.54 -6.05
N GLU B 477 10.11 0.71 -6.81
CA GLU B 477 10.26 -0.71 -6.50
C GLU B 477 11.47 -0.90 -5.60
N LEU B 478 11.30 -1.50 -4.44
CA LEU B 478 12.44 -1.73 -3.54
C LEU B 478 12.97 -3.15 -3.74
N THR B 479 14.25 -3.28 -4.02
CA THR B 479 14.89 -4.59 -4.10
C THR B 479 15.88 -4.66 -2.96
N ASN B 480 15.64 -5.54 -2.00
CA ASN B 480 16.62 -5.72 -0.91
C ASN B 480 17.74 -6.60 -1.47
N VAL B 481 18.93 -6.04 -1.61
CA VAL B 481 20.09 -6.79 -2.07
C VAL B 481 20.74 -7.38 -0.82
N CYS B 482 20.87 -8.70 -0.76
CA CYS B 482 21.43 -9.33 0.44
C CYS B 482 22.66 -10.15 0.06
N VAL B 483 23.82 -9.65 0.45
CA VAL B 483 25.09 -10.15 -0.04
C VAL B 483 25.79 -10.90 1.09
N ARG B 484 25.96 -12.21 0.93
CA ARG B 484 26.67 -12.99 1.92
C ARG B 484 28.17 -12.79 1.76
N ILE B 485 28.86 -12.44 2.83
CA ILE B 485 30.31 -12.24 2.84
C ILE B 485 30.93 -13.41 3.61
N ASP B 486 31.60 -14.28 2.88
CA ASP B 486 32.21 -15.49 3.40
C ASP B 486 33.55 -15.20 4.08
N LYS B 487 33.87 -16.03 5.06
CA LYS B 487 35.21 -16.10 5.61
C LYS B 487 36.20 -16.48 4.52
N GLU B 488 37.44 -16.01 4.66
CA GLU B 488 38.45 -16.46 3.71
C GLU B 488 38.57 -17.98 3.78
N SER B 489 38.68 -18.63 2.61
CA SER B 489 38.79 -20.09 2.56
C SER B 489 40.24 -20.54 2.77
N PRO B 490 40.45 -21.77 3.30
CA PRO B 490 41.78 -22.39 3.20
C PRO B 490 42.21 -22.66 1.76
#